data_2QFR
#
_entry.id   2QFR
#
_cell.length_a   148.030
_cell.length_b   148.030
_cell.length_c   160.090
_cell.angle_alpha   90.000
_cell.angle_beta   90.000
_cell.angle_gamma   90.000
#
_symmetry.space_group_name_H-M   'I 41'
#
loop_
_entity.id
_entity.type
_entity.pdbx_description
1 polymer 'Purple acid phosphatase'
2 non-polymer 'FE (III) ION'
3 non-polymer 'ZINC ION'
4 non-polymer 'SULFATE ION'
5 non-polymer 2-acetamido-2-deoxy-alpha-D-glucopyranose
6 non-polymer 2-acetamido-2-deoxy-beta-D-glucopyranose
7 water water
#
_entity_poly.entity_id   1
_entity_poly.type   'polypeptide(L)'
_entity_poly.pdbx_seq_one_letter_code
;RDMPLDSDVFRVPPGYNAPQQVHITQGDLVGRAMIISWVTMDEPGSSAVRYWSEKNGRKRIAKGKMSTYRFFNYSSGFIH
HTTIRKLKYNTKYYYEVGLRNTTRRFSFITPPQTGLDVPYTFGLIGDLGQSFDSNTTLSHYELSPKKGQTVLFVGDLSYA
DRYPNHDNVRWDTWGRFTERSVAYQPWIWTAGNHEIEFAPEINETEPFKPFSYRYHVPYEASQSTSPFWYSIKRASAHII
VLSSYSAYGRGTPQYTWLKKELRKVKRSETPWLIVLMHSPLYNSYNHHFMEGEAMRTKFEAWFVKYKVDVVFAGHVHAYE
RSERVSNIAYKITNGLCTPVKDQSAPVYITIGDAGNYGVIDSNMIQPQPEYSAFREASFGHGMFDIKNRTHAHFSWNRNQ
DGVAVEADSVWFFNRHWYPVDDST
;
_entity_poly.pdbx_strand_id   A,B
#
# COMPACT_ATOMS: atom_id res chain seq x y z
N ARG A 1 -11.11 24.17 18.75
CA ARG A 1 -10.38 24.24 20.06
C ARG A 1 -8.87 24.31 19.92
N ASP A 2 -8.39 24.54 18.69
CA ASP A 2 -6.95 24.64 18.48
C ASP A 2 -6.42 25.93 19.06
N MET A 3 -5.19 25.90 19.56
CA MET A 3 -4.59 27.08 20.14
C MET A 3 -4.36 28.11 19.01
N PRO A 4 -4.77 29.37 19.24
CA PRO A 4 -4.58 30.41 18.23
C PRO A 4 -3.11 30.72 17.94
N LEU A 5 -2.85 31.24 16.73
CA LEU A 5 -1.49 31.55 16.31
C LEU A 5 -0.70 32.44 17.27
N ASP A 6 -1.40 33.24 18.07
CA ASP A 6 -0.70 34.13 19.01
C ASP A 6 -0.34 33.47 20.34
N SER A 7 -0.72 32.21 20.52
CA SER A 7 -0.41 31.51 21.75
C SER A 7 1.08 31.49 22.05
N ASP A 8 1.42 31.57 23.32
CA ASP A 8 2.80 31.60 23.76
C ASP A 8 3.64 30.42 23.25
N VAL A 9 3.05 29.23 23.18
CA VAL A 9 3.80 28.06 22.73
C VAL A 9 4.28 28.18 21.28
N PHE A 10 3.57 28.96 20.48
CA PHE A 10 3.95 29.15 19.08
C PHE A 10 4.93 30.30 18.89
N ARG A 11 5.31 30.94 19.98
CA ARG A 11 6.25 32.05 19.95
C ARG A 11 7.46 31.67 19.11
N VAL A 12 7.91 32.59 18.26
CA VAL A 12 9.07 32.31 17.44
C VAL A 12 10.30 32.84 18.17
N PRO A 13 11.32 32.00 18.39
CA PRO A 13 12.52 32.46 19.09
C PRO A 13 13.13 33.68 18.41
N PRO A 14 13.52 34.70 19.21
CA PRO A 14 14.12 35.97 18.76
C PRO A 14 15.52 35.80 18.20
N GLY A 15 15.94 36.78 17.41
CA GLY A 15 17.26 36.73 16.81
C GLY A 15 17.14 36.51 15.32
N TYR A 16 18.08 37.08 14.55
CA TYR A 16 18.04 36.92 13.11
C TYR A 16 18.27 35.46 12.71
N ASN A 17 17.42 34.96 11.83
CA ASN A 17 17.50 33.59 11.35
C ASN A 17 17.75 32.61 12.48
N ALA A 18 17.01 32.79 13.57
CA ALA A 18 17.14 31.91 14.73
C ALA A 18 16.58 30.53 14.39
N PRO A 19 17.30 29.47 14.78
CA PRO A 19 16.83 28.10 14.50
C PRO A 19 15.53 27.89 15.24
N GLN A 20 14.53 27.33 14.55
CA GLN A 20 13.24 27.08 15.19
C GLN A 20 12.75 25.69 14.83
N GLN A 21 11.72 25.22 15.54
CA GLN A 21 11.16 23.90 15.29
C GLN A 21 12.24 22.83 15.39
N VAL A 22 13.14 22.99 16.34
CA VAL A 22 14.23 22.05 16.54
C VAL A 22 13.69 20.76 17.14
N HIS A 23 14.08 19.61 16.59
CA HIS A 23 13.64 18.31 17.08
C HIS A 23 14.69 17.25 16.73
N ILE A 24 14.81 16.23 17.58
CA ILE A 24 15.79 15.16 17.37
C ILE A 24 15.18 13.77 17.42
N THR A 25 15.92 12.78 16.90
CA THR A 25 15.46 11.40 16.93
C THR A 25 16.67 10.49 16.73
N GLN A 26 16.55 9.24 17.12
CA GLN A 26 17.67 8.30 16.99
C GLN A 26 18.14 8.24 15.54
N GLY A 27 19.46 8.30 15.35
CA GLY A 27 20.01 8.30 14.01
C GLY A 27 20.60 7.01 13.46
N ASP A 28 20.64 5.96 14.28
CA ASP A 28 21.19 4.67 13.85
C ASP A 28 20.38 3.55 14.48
N LEU A 29 20.87 2.33 14.31
CA LEU A 29 20.20 1.15 14.85
C LEU A 29 20.32 0.99 16.35
N VAL A 30 21.54 1.16 16.89
CA VAL A 30 21.79 0.97 18.32
C VAL A 30 21.79 2.18 19.26
N GLY A 31 21.71 3.38 18.71
CA GLY A 31 21.67 4.55 19.56
C GLY A 31 22.94 5.37 19.72
N ARG A 32 23.93 5.19 18.85
CA ARG A 32 25.15 5.98 18.96
C ARG A 32 25.11 7.13 17.98
N ALA A 33 23.91 7.45 17.49
CA ALA A 33 23.74 8.55 16.54
C ALA A 33 22.42 9.27 16.75
N MET A 34 22.36 10.51 16.29
CA MET A 34 21.17 11.33 16.42
C MET A 34 20.93 12.18 15.18
N ILE A 35 19.68 12.29 14.78
CA ILE A 35 19.36 13.13 13.63
C ILE A 35 18.84 14.45 14.23
N ILE A 36 19.60 15.53 14.02
CA ILE A 36 19.21 16.86 14.51
C ILE A 36 18.50 17.61 13.37
N SER A 37 17.29 18.09 13.63
CA SER A 37 16.53 18.81 12.61
C SER A 37 16.04 20.17 13.10
N TRP A 38 16.02 21.14 12.19
CA TRP A 38 15.52 22.48 12.51
C TRP A 38 15.14 23.28 11.27
N VAL A 39 14.57 24.46 11.49
CA VAL A 39 14.15 25.31 10.39
C VAL A 39 14.62 26.74 10.58
N THR A 40 14.99 27.41 9.49
CA THR A 40 15.40 28.79 9.56
C THR A 40 14.49 29.52 8.56
N MET A 41 13.98 30.68 8.95
CA MET A 41 13.06 31.44 8.11
C MET A 41 13.62 32.60 7.33
N ASP A 42 14.66 33.24 7.86
CA ASP A 42 15.21 34.41 7.21
C ASP A 42 16.14 34.14 6.03
N GLU A 43 16.89 33.06 6.10
CA GLU A 43 17.77 32.71 5.00
C GLU A 43 18.32 31.32 5.23
N PRO A 44 18.78 30.66 4.16
CA PRO A 44 19.32 29.31 4.28
C PRO A 44 20.05 29.03 5.61
N GLY A 45 21.22 29.63 5.79
CA GLY A 45 21.96 29.40 7.02
C GLY A 45 22.81 28.14 6.89
N SER A 46 23.63 27.84 7.91
CA SER A 46 24.47 26.65 7.85
C SER A 46 23.73 25.41 8.35
N SER A 47 24.10 24.25 7.82
CA SER A 47 23.48 23.00 8.23
C SER A 47 24.48 22.28 9.13
N ALA A 48 25.33 23.05 9.79
CA ALA A 48 26.32 22.47 10.68
C ALA A 48 25.79 22.41 12.10
N VAL A 49 26.27 21.43 12.86
CA VAL A 49 25.87 21.27 14.24
C VAL A 49 27.15 21.08 15.05
N ARG A 50 27.31 21.88 16.10
CA ARG A 50 28.48 21.79 16.96
C ARG A 50 27.99 21.09 18.23
N TYR A 51 28.74 20.08 18.65
CA TYR A 51 28.35 19.32 19.83
C TYR A 51 29.53 18.84 20.64
N TRP A 52 29.30 18.59 21.93
CA TRP A 52 30.34 18.14 22.85
C TRP A 52 29.69 17.53 24.10
N SER A 53 30.40 16.62 24.77
CA SER A 53 29.88 15.98 25.97
C SER A 53 30.31 16.75 27.21
N GLU A 54 29.65 16.49 28.34
CA GLU A 54 29.96 17.16 29.60
C GLU A 54 31.41 16.97 30.03
N LYS A 55 31.88 15.74 29.91
CA LYS A 55 33.25 15.38 30.26
C LYS A 55 34.24 16.00 29.28
N ASN A 56 34.58 15.26 28.23
CA ASN A 56 35.51 15.72 27.18
C ASN A 56 34.91 16.97 26.51
N GLY A 57 35.40 18.15 26.88
CA GLY A 57 34.86 19.36 26.28
C GLY A 57 35.17 19.51 24.79
N ARG A 58 35.79 18.50 24.20
CA ARG A 58 36.15 18.51 22.78
C ARG A 58 34.96 18.80 21.88
N LYS A 59 34.93 20.02 21.32
CA LYS A 59 33.83 20.40 20.45
C LYS A 59 34.05 19.93 19.02
N ARG A 60 33.02 19.30 18.45
CA ARG A 60 33.10 18.82 17.08
C ARG A 60 32.00 19.42 16.23
N ILE A 61 32.13 19.28 14.92
CA ILE A 61 31.15 19.81 13.99
C ILE A 61 30.75 18.78 12.94
N ALA A 62 29.44 18.57 12.78
CA ALA A 62 28.93 17.64 11.80
C ALA A 62 28.10 18.45 10.81
N LYS A 63 28.31 18.23 9.51
CA LYS A 63 27.60 18.96 8.47
C LYS A 63 26.45 18.14 7.87
N GLY A 64 25.26 18.74 7.82
CA GLY A 64 24.10 18.06 7.27
C GLY A 64 23.63 18.62 5.95
N LYS A 65 22.35 18.38 5.61
CA LYS A 65 21.79 18.88 4.36
C LYS A 65 20.62 19.82 4.57
N MET A 66 20.35 20.65 3.58
CA MET A 66 19.26 21.63 3.64
C MET A 66 18.29 21.37 2.48
N SER A 67 16.99 21.49 2.76
CA SER A 67 15.99 21.29 1.73
C SER A 67 14.78 22.18 1.97
N THR A 68 14.03 22.44 0.91
CA THR A 68 12.82 23.25 1.01
C THR A 68 11.73 22.54 0.23
N TYR A 69 10.51 23.06 0.30
CA TYR A 69 9.41 22.48 -0.45
C TYR A 69 8.23 23.42 -0.51
N ARG A 70 7.31 23.13 -1.43
CA ARG A 70 6.11 23.94 -1.61
C ARG A 70 4.92 22.99 -1.51
N PHE A 71 3.79 23.50 -1.04
CA PHE A 71 2.63 22.63 -0.99
C PHE A 71 1.62 23.18 -1.97
N PHE A 72 0.85 24.18 -1.59
CA PHE A 72 -0.10 24.71 -2.55
C PHE A 72 0.51 26.07 -2.86
N ASN A 73 0.00 27.11 -2.22
CA ASN A 73 0.57 28.44 -2.38
C ASN A 73 1.47 28.65 -1.17
N TYR A 74 1.84 27.55 -0.52
CA TYR A 74 2.71 27.62 0.64
C TYR A 74 4.16 27.35 0.27
N SER A 75 5.07 28.14 0.82
CA SER A 75 6.51 27.98 0.57
C SER A 75 7.16 27.78 1.91
N SER A 76 7.81 26.64 2.09
CA SER A 76 8.45 26.32 3.35
C SER A 76 9.66 27.19 3.58
N GLY A 77 10.21 27.05 4.78
CA GLY A 77 11.41 27.79 5.13
C GLY A 77 12.54 26.85 4.72
N PHE A 78 13.69 27.04 5.34
CA PHE A 78 14.84 26.22 5.04
C PHE A 78 14.98 25.15 6.10
N ILE A 79 14.79 23.91 5.66
CA ILE A 79 14.84 22.78 6.56
C ILE A 79 16.21 22.13 6.54
N HIS A 80 16.73 21.86 7.74
CA HIS A 80 18.03 21.25 7.89
C HIS A 80 17.95 19.90 8.61
N HIS A 81 18.77 18.95 8.17
CA HIS A 81 18.83 17.63 8.77
C HIS A 81 20.30 17.26 8.84
N THR A 82 20.79 16.99 10.05
CA THR A 82 22.19 16.63 10.25
C THR A 82 22.26 15.42 11.16
N THR A 83 23.09 14.46 10.79
CA THR A 83 23.25 13.25 11.57
C THR A 83 24.59 13.21 12.30
N ILE A 84 24.52 13.18 13.62
CA ILE A 84 25.70 13.11 14.47
C ILE A 84 25.89 11.63 14.80
N ARG A 85 27.09 11.11 14.62
CA ARG A 85 27.34 9.69 14.89
C ARG A 85 28.57 9.41 15.74
N LYS A 86 28.75 8.14 16.10
CA LYS A 86 29.88 7.69 16.92
C LYS A 86 29.84 8.26 18.33
N LEU A 87 28.65 8.61 18.80
CA LEU A 87 28.50 9.15 20.15
C LEU A 87 28.83 8.09 21.19
N LYS A 88 29.00 8.52 22.44
CA LYS A 88 29.30 7.57 23.51
C LYS A 88 28.02 7.27 24.24
N TYR A 89 27.88 6.02 24.68
CA TYR A 89 26.68 5.59 25.39
C TYR A 89 26.50 6.29 26.74
N ASN A 90 25.25 6.41 27.13
CA ASN A 90 24.86 7.01 28.39
C ASN A 90 25.65 8.25 28.83
N THR A 91 25.79 9.23 27.93
CA THR A 91 26.50 10.46 28.28
C THR A 91 25.69 11.67 27.79
N LYS A 92 25.76 12.77 28.54
CA LYS A 92 25.03 13.98 28.20
C LYS A 92 25.84 14.78 27.17
N TYR A 93 25.18 15.18 26.10
CA TYR A 93 25.80 15.96 25.03
C TYR A 93 25.14 17.32 24.85
N TYR A 94 25.92 18.31 24.48
CA TYR A 94 25.39 19.64 24.21
C TYR A 94 25.52 19.84 22.71
N TYR A 95 24.62 20.60 22.11
CA TYR A 95 24.70 20.85 20.69
C TYR A 95 24.13 22.22 20.36
N GLU A 96 24.80 22.91 19.44
CA GLU A 96 24.36 24.24 19.03
C GLU A 96 24.01 24.22 17.56
N VAL A 97 23.00 25.02 17.23
CA VAL A 97 22.48 25.12 15.88
C VAL A 97 22.36 26.60 15.48
N GLY A 98 22.54 26.88 14.19
CA GLY A 98 22.45 28.24 13.69
C GLY A 98 23.77 28.97 13.86
N LEU A 99 24.86 28.25 13.69
CA LEU A 99 26.21 28.80 13.87
C LEU A 99 26.51 30.13 13.18
N ARG A 100 26.22 30.22 11.89
CA ARG A 100 26.48 31.44 11.16
C ARG A 100 25.87 32.71 11.77
N ASN A 101 24.56 32.68 12.00
CA ASN A 101 23.77 33.81 12.53
C ASN A 101 23.54 33.78 14.05
N THR A 102 22.29 33.67 14.51
CA THR A 102 22.02 33.63 15.95
C THR A 102 21.94 32.17 16.44
N THR A 103 22.87 31.79 17.29
CA THR A 103 22.94 30.42 17.79
C THR A 103 22.02 30.08 18.97
N ARG A 104 21.57 28.83 19.00
CA ARG A 104 20.73 28.33 20.09
C ARG A 104 21.35 27.04 20.57
N ARG A 105 21.26 26.77 21.86
CA ARG A 105 21.85 25.57 22.42
C ARG A 105 20.86 24.67 23.14
N PHE A 106 21.01 23.37 22.93
CA PHE A 106 20.16 22.36 23.54
C PHE A 106 21.07 21.22 24.02
N SER A 107 20.47 20.21 24.63
CA SER A 107 21.24 19.07 25.10
C SER A 107 20.38 17.81 24.99
N PHE A 108 21.02 16.66 25.16
CA PHE A 108 20.34 15.38 25.11
C PHE A 108 21.28 14.35 25.71
N ILE A 109 20.72 13.25 26.21
CA ILE A 109 21.51 12.20 26.82
C ILE A 109 21.36 10.89 26.05
N THR A 110 22.43 10.44 25.41
CA THR A 110 22.36 9.21 24.64
C THR A 110 21.97 8.07 25.57
N PRO A 111 21.33 7.03 25.04
CA PRO A 111 20.90 5.88 25.85
C PRO A 111 22.09 4.99 26.20
N PRO A 112 21.89 4.05 27.13
CA PRO A 112 22.98 3.15 27.50
C PRO A 112 23.06 2.08 26.42
N GLN A 113 24.18 1.37 26.36
CA GLN A 113 24.37 0.31 25.37
C GLN A 113 23.25 -0.71 25.50
N THR A 114 22.90 -1.37 24.40
CA THR A 114 21.82 -2.36 24.45
C THR A 114 22.23 -3.53 25.35
N GLY A 115 21.30 -3.95 26.21
CA GLY A 115 21.58 -5.04 27.12
C GLY A 115 20.32 -5.76 27.57
N LEU A 116 20.52 -6.92 28.19
CA LEU A 116 19.40 -7.74 28.65
C LEU A 116 18.58 -7.13 29.79
N ASP A 117 19.24 -6.58 30.80
CA ASP A 117 18.52 -5.98 31.92
C ASP A 117 18.65 -4.47 32.01
N VAL A 118 18.91 -3.82 30.88
CA VAL A 118 19.06 -2.37 30.89
C VAL A 118 17.73 -1.67 31.10
N PRO A 119 17.60 -0.88 32.18
CA PRO A 119 16.35 -0.17 32.44
C PRO A 119 16.20 1.08 31.57
N TYR A 120 14.96 1.40 31.21
CA TYR A 120 14.69 2.56 30.40
C TYR A 120 13.21 2.85 30.45
N THR A 121 12.82 4.11 30.45
CA THR A 121 11.41 4.46 30.49
C THR A 121 10.99 5.31 29.30
N PHE A 122 10.08 4.75 28.50
CA PHE A 122 9.56 5.36 27.28
C PHE A 122 8.24 6.08 27.49
N GLY A 123 8.03 7.15 26.74
CA GLY A 123 6.78 7.87 26.83
C GLY A 123 5.88 7.43 25.66
N LEU A 124 4.57 7.54 25.83
CA LEU A 124 3.64 7.17 24.78
C LEU A 124 2.65 8.29 24.52
N ILE A 125 2.73 8.87 23.32
CA ILE A 125 1.86 9.96 22.94
C ILE A 125 1.37 9.67 21.52
N GLY A 126 0.06 9.86 21.32
CA GLY A 126 -0.51 9.62 20.00
C GLY A 126 -1.57 10.65 19.65
N ASP A 127 -1.60 11.07 18.38
CA ASP A 127 -2.59 12.05 17.92
C ASP A 127 -2.52 13.31 18.77
N LEU A 128 -1.32 13.84 18.94
CA LEU A 128 -1.11 15.03 19.75
C LEU A 128 -1.92 16.24 19.29
N GLY A 129 -1.62 16.73 18.09
CA GLY A 129 -2.34 17.89 17.58
C GLY A 129 -1.83 19.15 18.26
N GLN A 130 -2.60 20.22 18.22
CA GLN A 130 -2.19 21.46 18.86
C GLN A 130 -3.34 22.25 19.48
N SER A 131 -4.22 21.54 20.16
CA SER A 131 -5.37 22.15 20.84
C SER A 131 -4.94 22.36 22.29
N PHE A 132 -5.71 23.14 23.03
CA PHE A 132 -5.39 23.38 24.42
C PHE A 132 -5.17 22.08 25.16
N ASP A 133 -5.95 21.07 24.83
CA ASP A 133 -5.81 19.77 25.48
C ASP A 133 -4.41 19.20 25.22
N SER A 134 -3.92 19.42 24.01
CA SER A 134 -2.60 18.93 23.61
C SER A 134 -1.51 19.49 24.53
N ASN A 135 -1.61 20.77 24.86
CA ASN A 135 -0.63 21.45 25.71
C ASN A 135 -0.61 20.86 27.11
N THR A 136 -1.78 20.48 27.61
CA THR A 136 -1.90 19.89 28.93
C THR A 136 -1.21 18.53 28.92
N THR A 137 -1.59 17.72 27.94
CA THR A 137 -0.98 16.39 27.83
C THR A 137 0.53 16.50 27.83
N LEU A 138 1.08 17.36 26.99
CA LEU A 138 2.53 17.51 26.94
C LEU A 138 3.10 17.94 28.29
N SER A 139 2.37 18.81 29.00
CA SER A 139 2.82 19.27 30.31
C SER A 139 2.91 18.11 31.29
N HIS A 140 1.84 17.32 31.37
CA HIS A 140 1.84 16.18 32.27
C HIS A 140 3.01 15.25 31.99
N TYR A 141 3.37 15.10 30.72
CA TYR A 141 4.50 14.24 30.36
C TYR A 141 5.80 14.82 30.92
N GLU A 142 5.95 16.14 30.82
CA GLU A 142 7.15 16.80 31.31
C GLU A 142 7.26 16.75 32.83
N LEU A 143 6.12 16.83 33.51
CA LEU A 143 6.13 16.82 34.97
C LEU A 143 6.05 15.44 35.60
N SER A 144 5.90 14.41 34.78
CA SER A 144 5.81 13.05 35.30
C SER A 144 6.92 12.75 36.30
N PRO A 145 6.56 12.30 37.51
CA PRO A 145 7.60 12.00 38.51
C PRO A 145 8.66 11.05 37.93
N LYS A 146 8.22 9.99 37.27
CA LYS A 146 9.13 9.04 36.63
C LYS A 146 9.34 9.61 35.23
N LYS A 147 10.42 10.36 35.08
CA LYS A 147 10.73 11.02 33.82
C LYS A 147 10.96 10.11 32.60
N GLY A 148 10.27 10.43 31.51
CA GLY A 148 10.41 9.65 30.29
C GLY A 148 11.68 10.10 29.60
N GLN A 149 12.41 9.16 28.99
CA GLN A 149 13.68 9.48 28.32
C GLN A 149 13.60 9.49 26.79
N THR A 150 12.49 9.04 26.25
CA THR A 150 12.26 8.99 24.81
C THR A 150 10.75 8.82 24.64
N VAL A 151 10.21 9.41 23.58
CA VAL A 151 8.79 9.29 23.34
C VAL A 151 8.53 8.41 22.11
N LEU A 152 7.53 7.54 22.21
CA LEU A 152 7.15 6.69 21.09
C LEU A 152 5.86 7.33 20.60
N PHE A 153 5.93 7.99 19.44
CA PHE A 153 4.80 8.69 18.87
C PHE A 153 4.09 7.84 17.85
N VAL A 154 2.83 7.54 18.16
CA VAL A 154 2.02 6.64 17.37
C VAL A 154 1.19 7.18 16.21
N GLY A 155 1.49 8.40 15.74
CA GLY A 155 0.74 8.93 14.61
C GLY A 155 -0.13 10.16 14.79
N ASP A 156 -0.36 10.88 13.68
CA ASP A 156 -1.16 12.10 13.66
C ASP A 156 -0.46 13.17 14.48
N LEU A 157 0.40 13.93 13.81
CA LEU A 157 1.17 14.97 14.48
C LEU A 157 0.48 16.32 14.65
N SER A 158 0.45 17.10 13.58
CA SER A 158 -0.10 18.45 13.59
C SER A 158 -1.58 18.65 13.30
N TYR A 159 -2.15 17.80 12.45
CA TYR A 159 -3.54 17.93 12.04
C TYR A 159 -3.71 19.17 11.19
N ALA A 160 -2.63 19.59 10.54
CA ALA A 160 -2.65 20.77 9.69
C ALA A 160 -3.57 20.56 8.49
N ASP A 161 -3.84 19.30 8.17
CA ASP A 161 -4.68 18.98 7.02
C ASP A 161 -6.15 19.31 7.26
N ARG A 162 -6.46 19.81 8.45
CA ARG A 162 -7.85 20.17 8.76
C ARG A 162 -8.10 21.60 8.33
N TYR A 163 -7.02 22.36 8.13
CA TYR A 163 -7.16 23.74 7.71
C TYR A 163 -7.27 23.82 6.19
N PRO A 164 -7.80 24.93 5.66
CA PRO A 164 -7.93 25.07 4.21
C PRO A 164 -6.57 24.96 3.50
N ASN A 165 -6.50 24.11 2.49
CA ASN A 165 -5.26 23.90 1.75
C ASN A 165 -4.20 23.33 2.70
N HIS A 166 -4.66 22.65 3.73
CA HIS A 166 -3.78 22.05 4.74
C HIS A 166 -2.77 23.06 5.25
N ASP A 167 -3.17 24.33 5.30
CA ASP A 167 -2.30 25.42 5.76
C ASP A 167 -1.05 24.91 6.46
N ASN A 168 0.02 24.70 5.69
CA ASN A 168 1.26 24.19 6.28
C ASN A 168 1.85 25.07 7.37
N VAL A 169 1.27 26.25 7.58
CA VAL A 169 1.75 27.12 8.65
C VAL A 169 1.51 26.36 9.94
N ARG A 170 0.47 25.53 9.95
CA ARG A 170 0.13 24.74 11.11
C ARG A 170 1.13 23.61 11.39
N TRP A 171 2.04 23.35 10.44
CA TRP A 171 3.08 22.35 10.65
C TRP A 171 4.19 23.09 11.40
N ASP A 172 4.39 24.35 11.04
CA ASP A 172 5.41 25.18 11.67
C ASP A 172 5.09 25.47 13.13
N THR A 173 3.83 25.84 13.42
CA THR A 173 3.45 26.14 14.80
C THR A 173 3.67 24.89 15.65
N TRP A 174 3.26 23.74 15.12
CA TRP A 174 3.42 22.46 15.81
C TRP A 174 4.90 22.19 16.07
N GLY A 175 5.75 22.60 15.13
CA GLY A 175 7.17 22.40 15.30
C GLY A 175 7.72 23.21 16.46
N ARG A 176 7.23 24.44 16.60
CA ARG A 176 7.68 25.31 17.68
C ARG A 176 7.08 24.86 19.00
N PHE A 177 5.82 24.44 18.94
CA PHE A 177 5.10 23.98 20.12
C PHE A 177 5.74 22.77 20.81
N THR A 178 6.05 21.74 20.03
CA THR A 178 6.64 20.54 20.58
C THR A 178 8.13 20.65 20.85
N GLU A 179 8.78 21.67 20.29
CA GLU A 179 10.22 21.82 20.50
C GLU A 179 10.70 21.73 21.94
N ARG A 180 9.91 22.23 22.89
CA ARG A 180 10.33 22.20 24.28
C ARG A 180 10.66 20.80 24.78
N SER A 181 10.26 19.78 24.01
CA SER A 181 10.52 18.40 24.39
C SER A 181 11.41 17.66 23.38
N VAL A 182 10.95 17.60 22.13
CA VAL A 182 11.66 16.89 21.06
C VAL A 182 13.07 17.38 20.80
N ALA A 183 13.40 18.57 21.29
CA ALA A 183 14.74 19.11 21.09
C ALA A 183 15.68 18.56 22.14
N TYR A 184 15.12 18.12 23.26
CA TYR A 184 15.92 17.61 24.37
C TYR A 184 15.95 16.09 24.50
N GLN A 185 14.97 15.40 23.92
CA GLN A 185 14.95 13.95 23.97
C GLN A 185 14.31 13.46 22.68
N PRO A 186 14.78 12.32 22.15
CA PRO A 186 14.22 11.80 20.91
C PRO A 186 12.76 11.36 20.97
N TRP A 187 12.11 11.40 19.81
CA TRP A 187 10.73 10.96 19.64
C TRP A 187 10.80 10.02 18.46
N ILE A 188 10.20 8.84 18.57
CA ILE A 188 10.22 7.88 17.47
C ILE A 188 8.97 8.10 16.65
N TRP A 189 9.14 8.51 15.40
CA TRP A 189 7.97 8.78 14.56
C TRP A 189 7.27 7.62 13.85
N THR A 190 5.95 7.66 13.90
CA THR A 190 5.08 6.68 13.26
C THR A 190 4.14 7.53 12.41
N ALA A 191 3.90 7.15 11.17
CA ALA A 191 3.02 7.95 10.31
C ALA A 191 1.54 7.60 10.49
N GLY A 192 0.73 8.64 10.67
CA GLY A 192 -0.71 8.45 10.85
C GLY A 192 -1.51 8.91 9.63
N ASN A 193 -2.82 8.69 9.66
CA ASN A 193 -3.66 9.07 8.54
C ASN A 193 -3.68 10.56 8.23
N HIS A 194 -3.38 11.40 9.21
CA HIS A 194 -3.38 12.83 8.96
C HIS A 194 -2.07 13.30 8.35
N GLU A 195 -1.16 12.35 8.14
CA GLU A 195 0.12 12.65 7.52
C GLU A 195 0.07 12.30 6.03
N ILE A 196 -0.97 11.56 5.62
CA ILE A 196 -1.09 11.19 4.21
C ILE A 196 -1.17 12.44 3.34
N GLU A 197 -2.09 13.33 3.68
CA GLU A 197 -2.27 14.58 2.95
C GLU A 197 -2.36 14.41 1.43
N PHE A 198 -3.30 13.55 1.01
CA PHE A 198 -3.52 13.30 -0.41
C PHE A 198 -4.57 14.30 -0.86
N ALA A 199 -4.13 15.34 -1.56
CA ALA A 199 -5.04 16.39 -2.01
C ALA A 199 -4.99 16.69 -3.49
N PRO A 200 -5.66 15.88 -4.32
CA PRO A 200 -5.68 16.06 -5.78
C PRO A 200 -6.26 17.42 -6.18
N GLU A 201 -7.28 17.88 -5.45
CA GLU A 201 -7.93 19.14 -5.76
C GLU A 201 -6.89 20.25 -5.92
N ILE A 202 -5.84 20.21 -5.12
CA ILE A 202 -4.83 21.24 -5.19
C ILE A 202 -3.51 20.73 -5.75
N ASN A 203 -3.60 19.73 -6.62
CA ASN A 203 -2.45 19.13 -7.28
C ASN A 203 -1.35 18.66 -6.34
N GLU A 204 -1.72 18.12 -5.18
CA GLU A 204 -0.75 17.60 -4.22
C GLU A 204 -1.07 16.11 -4.08
N THR A 205 -0.48 15.31 -4.96
CA THR A 205 -0.73 13.89 -5.01
C THR A 205 0.35 12.96 -4.45
N GLU A 206 1.35 13.52 -3.79
CA GLU A 206 2.42 12.72 -3.23
C GLU A 206 2.12 12.47 -1.76
N PRO A 207 1.75 11.24 -1.39
CA PRO A 207 1.43 10.92 0.01
C PRO A 207 2.59 11.21 0.96
N PHE A 208 2.27 11.73 2.15
CA PHE A 208 3.26 12.03 3.19
C PHE A 208 4.30 13.10 2.86
N LYS A 209 4.00 13.98 1.90
CA LYS A 209 4.97 15.00 1.52
C LYS A 209 5.41 15.95 2.63
N PRO A 210 4.49 16.76 3.18
CA PRO A 210 4.91 17.67 4.25
C PRO A 210 5.64 16.94 5.36
N PHE A 211 5.06 15.82 5.79
CA PHE A 211 5.65 15.02 6.87
C PHE A 211 7.07 14.53 6.57
N SER A 212 7.26 13.92 5.40
CA SER A 212 8.57 13.38 5.03
C SER A 212 9.67 14.40 4.87
N TYR A 213 9.31 15.66 4.61
CA TYR A 213 10.33 16.69 4.47
C TYR A 213 10.79 17.18 5.84
N ARG A 214 9.82 17.31 6.73
CA ARG A 214 10.09 17.79 8.08
C ARG A 214 10.64 16.74 9.05
N TYR A 215 10.21 15.49 8.93
CA TYR A 215 10.67 14.47 9.85
C TYR A 215 11.40 13.28 9.24
N HIS A 216 12.70 13.21 9.47
CA HIS A 216 13.48 12.11 8.93
C HIS A 216 13.67 11.03 9.99
N VAL A 217 13.90 9.81 9.54
CA VAL A 217 14.10 8.68 10.44
C VAL A 217 15.26 7.84 9.90
N PRO A 218 15.93 7.07 10.76
CA PRO A 218 17.07 6.22 10.36
C PRO A 218 16.61 4.90 9.77
N TYR A 219 15.72 4.94 8.80
CA TYR A 219 15.19 3.71 8.21
C TYR A 219 16.22 2.82 7.52
N GLU A 220 17.23 3.44 6.91
CA GLU A 220 18.27 2.67 6.22
C GLU A 220 19.02 1.76 7.18
N ALA A 221 19.09 2.16 8.45
CA ALA A 221 19.80 1.37 9.45
C ALA A 221 19.24 -0.05 9.59
N SER A 222 17.96 -0.23 9.28
CA SER A 222 17.35 -1.55 9.40
C SER A 222 17.07 -2.22 8.06
N GLN A 223 17.75 -1.76 7.00
CA GLN A 223 17.53 -2.37 5.70
C GLN A 223 16.20 -2.02 5.08
N SER A 224 15.51 -1.01 5.62
CA SER A 224 14.24 -0.62 5.04
C SER A 224 14.50 0.26 3.82
N THR A 225 13.57 0.28 2.88
CA THR A 225 13.74 1.09 1.69
C THR A 225 12.78 2.27 1.71
N SER A 226 12.20 2.53 2.87
CA SER A 226 11.24 3.61 3.01
C SER A 226 11.17 4.17 4.44
N PRO A 227 10.97 5.48 4.58
CA PRO A 227 10.90 6.07 5.92
C PRO A 227 9.61 5.80 6.71
N PHE A 228 8.65 5.09 6.11
CA PHE A 228 7.39 4.84 6.81
C PHE A 228 7.33 3.58 7.65
N TRP A 229 8.37 2.77 7.56
CA TRP A 229 8.48 1.56 8.36
C TRP A 229 9.97 1.34 8.55
N TYR A 230 10.34 1.00 9.79
CA TYR A 230 11.74 0.79 10.13
C TYR A 230 11.76 0.35 11.58
N SER A 231 12.94 -0.02 12.07
CA SER A 231 13.05 -0.44 13.46
C SER A 231 14.29 0.19 14.06
N ILE A 232 14.34 0.19 15.40
CA ILE A 232 15.49 0.71 16.12
C ILE A 232 15.59 -0.08 17.40
N LYS A 233 16.80 -0.11 17.94
CA LYS A 233 17.08 -0.77 19.19
C LYS A 233 17.45 0.34 20.16
N ARG A 234 16.92 0.30 21.37
CA ARG A 234 17.26 1.30 22.37
C ARG A 234 17.16 0.63 23.73
N ALA A 235 18.29 0.58 24.43
CA ALA A 235 18.37 -0.05 25.73
C ALA A 235 18.00 -1.53 25.55
N SER A 236 17.04 -2.01 26.32
CA SER A 236 16.62 -3.42 26.23
C SER A 236 15.40 -3.62 25.36
N ALA A 237 15.12 -2.65 24.48
CA ALA A 237 13.95 -2.75 23.63
C ALA A 237 14.27 -2.69 22.16
N HIS A 238 13.55 -3.51 21.40
CA HIS A 238 13.68 -3.55 19.96
C HIS A 238 12.30 -3.09 19.51
N ILE A 239 12.29 -1.93 18.87
CA ILE A 239 11.06 -1.29 18.41
C ILE A 239 10.90 -1.40 16.91
N ILE A 240 9.70 -1.79 16.50
CA ILE A 240 9.39 -1.94 15.09
C ILE A 240 8.25 -0.99 14.73
N VAL A 241 8.49 -0.12 13.75
CA VAL A 241 7.48 0.85 13.33
C VAL A 241 6.88 0.47 11.98
N LEU A 242 5.56 0.30 11.96
CA LEU A 242 4.84 -0.06 10.74
C LEU A 242 3.99 1.09 10.22
N SER A 243 3.69 1.04 8.92
CA SER A 243 2.90 2.07 8.28
C SER A 243 1.50 1.57 7.92
N SER A 244 0.52 1.98 8.70
CA SER A 244 -0.86 1.54 8.45
C SER A 244 -1.36 1.99 7.08
N TYR A 245 -0.74 3.02 6.53
CA TYR A 245 -1.21 3.53 5.26
C TYR A 245 -0.30 3.35 4.04
N SER A 246 0.48 2.28 4.05
CA SER A 246 1.36 1.95 2.93
C SER A 246 0.97 0.53 2.48
N ALA A 247 1.52 0.10 1.35
CA ALA A 247 1.22 -1.24 0.87
C ALA A 247 1.73 -2.28 1.88
N TYR A 248 0.95 -3.31 2.15
CA TYR A 248 1.41 -4.37 3.03
C TYR A 248 0.91 -5.75 2.57
N GLY A 249 0.70 -5.88 1.27
CA GLY A 249 0.24 -7.14 0.72
C GLY A 249 1.44 -8.05 0.54
N ARG A 250 1.20 -9.35 0.39
CA ARG A 250 2.30 -10.30 0.23
C ARG A 250 3.19 -9.96 -0.94
N GLY A 251 4.49 -9.90 -0.68
CA GLY A 251 5.45 -9.59 -1.73
C GLY A 251 5.83 -8.13 -1.82
N THR A 252 5.08 -7.24 -1.17
CA THR A 252 5.38 -5.81 -1.21
C THR A 252 6.54 -5.45 -0.30
N PRO A 253 7.13 -4.26 -0.52
CA PRO A 253 8.25 -3.78 0.27
C PRO A 253 8.08 -3.94 1.78
N GLN A 254 7.03 -3.36 2.34
CA GLN A 254 6.82 -3.46 3.78
C GLN A 254 6.69 -4.90 4.29
N TYR A 255 5.84 -5.67 3.63
CA TYR A 255 5.60 -7.06 3.98
C TYR A 255 6.93 -7.82 4.03
N THR A 256 7.71 -7.71 2.95
CA THR A 256 9.00 -8.37 2.88
C THR A 256 9.92 -7.94 4.02
N TRP A 257 9.99 -6.64 4.26
CA TRP A 257 10.84 -6.11 5.32
C TRP A 257 10.48 -6.66 6.69
N LEU A 258 9.20 -6.57 7.06
CA LEU A 258 8.74 -7.04 8.36
C LEU A 258 9.06 -8.51 8.60
N LYS A 259 8.81 -9.33 7.59
CA LYS A 259 9.08 -10.76 7.68
C LYS A 259 10.54 -11.00 8.02
N LYS A 260 11.44 -10.29 7.34
CA LYS A 260 12.86 -10.45 7.60
C LYS A 260 13.25 -9.88 8.97
N GLU A 261 12.76 -8.69 9.28
CA GLU A 261 13.09 -8.04 10.55
C GLU A 261 12.75 -8.87 11.78
N LEU A 262 11.61 -9.55 11.77
CA LEU A 262 11.23 -10.35 12.93
C LEU A 262 12.24 -11.47 13.17
N ARG A 263 12.79 -12.03 12.10
CA ARG A 263 13.78 -13.09 12.23
C ARG A 263 15.04 -12.57 12.90
N LYS A 264 15.35 -11.31 12.67
CA LYS A 264 16.56 -10.71 13.24
C LYS A 264 16.42 -10.25 14.69
N VAL A 265 15.23 -10.35 15.26
CA VAL A 265 15.07 -9.94 16.65
C VAL A 265 15.74 -10.95 17.58
N LYS A 266 16.57 -10.46 18.50
CA LYS A 266 17.25 -11.33 19.46
C LYS A 266 16.77 -10.98 20.87
N ARG A 267 15.92 -11.83 21.44
CA ARG A 267 15.39 -11.57 22.77
C ARG A 267 16.45 -11.68 23.85
N SER A 268 17.58 -12.26 23.49
CA SER A 268 18.70 -12.41 24.41
C SER A 268 19.44 -11.07 24.51
N GLU A 269 19.39 -10.27 23.46
CA GLU A 269 20.05 -8.97 23.45
C GLU A 269 19.05 -7.88 23.86
N THR A 270 17.88 -7.89 23.23
CA THR A 270 16.83 -6.91 23.52
C THR A 270 15.57 -7.72 23.86
N PRO A 271 15.33 -7.98 25.14
CA PRO A 271 14.16 -8.75 25.59
C PRO A 271 12.80 -8.18 25.23
N TRP A 272 12.66 -6.87 25.28
CA TRP A 272 11.37 -6.25 24.99
C TRP A 272 11.15 -5.97 23.51
N LEU A 273 10.12 -6.62 22.96
CA LEU A 273 9.78 -6.45 21.54
C LEU A 273 8.49 -5.66 21.43
N ILE A 274 8.63 -4.42 20.94
CA ILE A 274 7.52 -3.50 20.78
C ILE A 274 7.23 -3.15 19.32
N VAL A 275 5.94 -3.03 18.98
CA VAL A 275 5.52 -2.68 17.63
C VAL A 275 4.64 -1.43 17.67
N LEU A 276 4.89 -0.50 16.74
CA LEU A 276 4.11 0.73 16.66
C LEU A 276 3.43 0.80 15.29
N MET A 277 2.19 1.28 15.29
CA MET A 277 1.42 1.44 14.05
C MET A 277 0.33 2.44 14.39
N HIS A 278 -0.17 3.17 13.40
CA HIS A 278 -1.21 4.14 13.73
C HIS A 278 -2.58 3.52 14.00
N SER A 279 -3.04 2.62 13.13
CA SER A 279 -4.37 2.02 13.30
C SER A 279 -4.41 0.74 14.14
N PRO A 280 -5.12 0.77 15.29
CA PRO A 280 -5.23 -0.39 16.19
C PRO A 280 -5.87 -1.63 15.57
N LEU A 281 -5.24 -2.80 15.81
CA LEU A 281 -5.74 -4.05 15.27
C LEU A 281 -6.92 -4.54 16.12
N TYR A 282 -6.94 -4.14 17.38
CA TYR A 282 -8.05 -4.47 18.27
C TYR A 282 -8.57 -3.15 18.77
N ASN A 283 -9.89 -2.98 18.68
CA ASN A 283 -10.52 -1.74 19.07
C ASN A 283 -12.01 -1.94 19.32
N SER A 284 -12.46 -1.55 20.51
CA SER A 284 -13.88 -1.71 20.82
C SER A 284 -14.66 -0.40 20.81
N TYR A 285 -14.09 0.64 20.19
CA TYR A 285 -14.78 1.92 20.09
C TYR A 285 -15.48 1.94 18.74
N ASN A 286 -16.57 2.69 18.63
CA ASN A 286 -17.31 2.76 17.38
C ASN A 286 -16.49 3.48 16.33
N HIS A 287 -15.85 4.57 16.71
CA HIS A 287 -15.04 5.33 15.75
C HIS A 287 -13.88 4.49 15.23
N HIS A 288 -13.87 4.25 13.91
CA HIS A 288 -12.80 3.48 13.27
C HIS A 288 -12.85 1.99 13.61
N PHE A 289 -14.01 1.51 14.01
CA PHE A 289 -14.18 0.12 14.36
C PHE A 289 -13.84 -0.77 13.16
N MET A 290 -13.07 -1.83 13.41
CA MET A 290 -12.67 -2.78 12.38
C MET A 290 -11.82 -2.24 11.23
N GLU A 291 -11.28 -1.04 11.36
CA GLU A 291 -10.44 -0.50 10.30
C GLU A 291 -9.14 -1.27 10.23
N GLY A 292 -8.71 -1.79 11.37
CA GLY A 292 -7.47 -2.53 11.43
C GLY A 292 -7.57 -3.99 11.00
N GLU A 293 -8.74 -4.41 10.56
CA GLU A 293 -8.90 -5.79 10.16
C GLU A 293 -7.97 -6.18 9.01
N ALA A 294 -7.84 -5.32 8.01
CA ALA A 294 -6.97 -5.60 6.87
C ALA A 294 -5.55 -5.96 7.31
N MET A 295 -4.89 -5.09 8.06
CA MET A 295 -3.54 -5.39 8.48
C MET A 295 -3.50 -6.55 9.47
N ARG A 296 -4.51 -6.65 10.32
CA ARG A 296 -4.59 -7.73 11.29
C ARG A 296 -4.50 -9.11 10.62
N THR A 297 -5.32 -9.34 9.58
CA THR A 297 -5.32 -10.62 8.88
C THR A 297 -3.97 -10.90 8.24
N LYS A 298 -3.16 -9.87 8.11
CA LYS A 298 -1.84 -10.01 7.52
C LYS A 298 -0.72 -10.33 8.52
N PHE A 299 -0.65 -9.55 9.60
CA PHE A 299 0.43 -9.73 10.56
C PHE A 299 0.16 -10.31 11.94
N GLU A 300 -1.10 -10.43 12.35
CA GLU A 300 -1.37 -10.97 13.68
C GLU A 300 -0.62 -12.27 13.98
N ALA A 301 -0.70 -13.23 13.06
CA ALA A 301 -0.04 -14.52 13.25
C ALA A 301 1.44 -14.36 13.52
N TRP A 302 2.09 -13.41 12.83
CA TRP A 302 3.52 -13.20 13.04
C TRP A 302 3.76 -12.66 14.45
N PHE A 303 2.96 -11.70 14.89
CA PHE A 303 3.16 -11.13 16.22
C PHE A 303 3.08 -12.20 17.30
N VAL A 304 2.24 -13.20 17.09
CA VAL A 304 2.09 -14.28 18.06
C VAL A 304 3.26 -15.24 17.91
N LYS A 305 3.54 -15.63 16.66
CA LYS A 305 4.63 -16.54 16.39
C LYS A 305 5.89 -16.06 17.07
N TYR A 306 6.15 -14.76 17.00
CA TYR A 306 7.36 -14.22 17.62
C TYR A 306 7.13 -13.63 19.00
N LYS A 307 5.93 -13.83 19.53
CA LYS A 307 5.60 -13.36 20.86
C LYS A 307 5.97 -11.90 21.13
N VAL A 308 5.43 -10.95 20.36
CA VAL A 308 5.77 -9.56 20.63
C VAL A 308 5.08 -9.21 21.95
N ASP A 309 5.72 -8.37 22.75
CA ASP A 309 5.18 -8.01 24.06
C ASP A 309 3.99 -7.07 24.02
N VAL A 310 4.20 -5.89 23.44
CA VAL A 310 3.14 -4.88 23.37
C VAL A 310 3.05 -4.27 21.99
N VAL A 311 1.82 -3.95 21.57
CA VAL A 311 1.61 -3.29 20.30
C VAL A 311 0.93 -1.97 20.69
N PHE A 312 1.48 -0.85 20.24
CA PHE A 312 0.92 0.46 20.54
C PHE A 312 0.33 1.08 19.27
N ALA A 313 -0.87 1.64 19.37
CA ALA A 313 -1.52 2.28 18.24
C ALA A 313 -2.25 3.52 18.72
N GLY A 314 -2.64 4.39 17.78
CA GLY A 314 -3.37 5.59 18.14
C GLY A 314 -4.66 5.59 17.36
N HIS A 315 -4.83 6.61 16.50
CA HIS A 315 -5.99 6.73 15.63
C HIS A 315 -7.33 6.95 16.31
N VAL A 316 -7.68 6.10 17.28
CA VAL A 316 -8.94 6.28 18.00
C VAL A 316 -8.57 7.26 19.11
N HIS A 317 -9.34 8.33 19.25
CA HIS A 317 -9.02 9.34 20.24
C HIS A 317 -9.60 8.99 21.59
N ALA A 318 -8.96 8.01 22.21
CA ALA A 318 -9.36 7.51 23.52
C ALA A 318 -8.30 6.54 24.00
N TYR A 319 -8.59 5.83 25.08
CA TYR A 319 -7.66 4.88 25.64
C TYR A 319 -8.28 3.49 25.78
N GLU A 320 -7.53 2.48 25.39
CA GLU A 320 -7.98 1.09 25.50
C GLU A 320 -6.81 0.14 25.71
N ARG A 321 -7.05 -0.89 26.50
CA ARG A 321 -6.03 -1.89 26.82
C ARG A 321 -6.68 -3.25 26.69
N SER A 322 -6.13 -4.09 25.82
CA SER A 322 -6.68 -5.42 25.61
C SER A 322 -6.03 -6.42 26.52
N GLU A 323 -6.52 -7.65 26.44
CA GLU A 323 -5.94 -8.74 27.19
C GLU A 323 -5.16 -9.44 26.11
N ARG A 324 -4.32 -10.40 26.49
CA ARG A 324 -3.56 -11.11 25.48
C ARG A 324 -4.52 -12.06 24.78
N VAL A 325 -4.90 -11.72 23.55
CA VAL A 325 -5.79 -12.54 22.76
C VAL A 325 -5.30 -12.68 21.33
N SER A 326 -5.87 -13.64 20.61
CA SER A 326 -5.52 -13.84 19.21
C SER A 326 -6.72 -14.37 18.47
N ASN A 327 -6.80 -14.02 17.19
CA ASN A 327 -7.91 -14.46 16.37
C ASN A 327 -7.27 -15.01 15.12
N ILE A 328 -6.46 -16.05 15.26
CA ILE A 328 -5.76 -16.62 14.12
C ILE A 328 -6.15 -18.03 13.71
N ALA A 329 -7.26 -18.54 14.21
CA ALA A 329 -7.67 -19.88 13.85
C ALA A 329 -8.71 -19.92 12.72
N TYR A 330 -9.14 -18.75 12.26
CA TYR A 330 -10.15 -18.63 11.20
C TYR A 330 -9.73 -19.19 9.85
N LYS A 331 -10.62 -19.94 9.22
CA LYS A 331 -10.35 -20.49 7.91
C LYS A 331 -11.54 -20.36 6.97
N ILE A 332 -12.22 -19.22 7.06
CA ILE A 332 -13.37 -18.91 6.23
C ILE A 332 -14.64 -19.70 6.55
N THR A 333 -14.55 -21.01 6.63
CA THR A 333 -15.74 -21.81 6.88
C THR A 333 -15.72 -22.72 8.10
N ASN A 334 -14.70 -22.56 8.93
CA ASN A 334 -14.55 -23.39 10.13
C ASN A 334 -15.18 -22.73 11.38
N GLY A 335 -15.82 -21.57 11.17
CA GLY A 335 -16.47 -20.89 12.27
C GLY A 335 -15.63 -20.38 13.43
N LEU A 336 -14.32 -20.67 13.44
CA LEU A 336 -13.49 -20.19 14.54
C LEU A 336 -13.07 -18.75 14.30
N CYS A 337 -13.97 -17.81 14.60
CA CYS A 337 -13.65 -16.41 14.37
C CYS A 337 -13.84 -15.52 15.57
N THR A 338 -13.71 -16.10 16.76
CA THR A 338 -13.83 -15.33 18.00
C THR A 338 -12.46 -15.27 18.65
N PRO A 339 -12.07 -14.08 19.11
CA PRO A 339 -10.76 -13.91 19.76
C PRO A 339 -10.72 -14.75 21.03
N VAL A 340 -9.61 -15.46 21.21
CA VAL A 340 -9.42 -16.33 22.36
C VAL A 340 -8.19 -15.88 23.16
N LYS A 341 -8.20 -16.08 24.47
CA LYS A 341 -7.05 -15.68 25.28
C LYS A 341 -5.84 -16.48 24.80
N ASP A 342 -4.70 -15.80 24.69
CA ASP A 342 -3.47 -16.42 24.22
C ASP A 342 -2.28 -15.83 24.97
N GLN A 343 -1.61 -16.64 25.77
CA GLN A 343 -0.47 -16.17 26.55
C GLN A 343 0.77 -15.90 25.69
N SER A 344 0.67 -16.27 24.42
CA SER A 344 1.77 -16.07 23.50
C SER A 344 1.57 -14.76 22.71
N ALA A 345 0.34 -14.24 22.76
CA ALA A 345 -0.01 -13.01 22.05
C ALA A 345 0.33 -11.73 22.78
N PRO A 346 0.50 -10.63 22.04
CA PRO A 346 0.82 -9.36 22.69
C PRO A 346 -0.39 -8.71 23.32
N VAL A 347 -0.13 -7.67 24.12
CA VAL A 347 -1.19 -6.88 24.72
C VAL A 347 -1.31 -5.73 23.74
N TYR A 348 -2.53 -5.37 23.35
CA TYR A 348 -2.71 -4.26 22.41
C TYR A 348 -3.21 -3.07 23.18
N ILE A 349 -2.56 -1.93 22.99
CA ILE A 349 -2.95 -0.69 23.68
C ILE A 349 -3.12 0.47 22.71
N THR A 350 -4.24 1.19 22.80
CA THR A 350 -4.40 2.35 21.93
C THR A 350 -4.37 3.61 22.82
N ILE A 351 -3.43 4.52 22.53
CA ILE A 351 -3.30 5.78 23.28
C ILE A 351 -3.27 6.96 22.30
N GLY A 352 -4.33 7.12 21.53
CA GLY A 352 -4.37 8.24 20.60
C GLY A 352 -5.19 9.35 21.23
N ASP A 353 -5.12 9.45 22.56
CA ASP A 353 -5.89 10.43 23.31
C ASP A 353 -5.05 11.57 23.87
N ALA A 354 -4.00 11.96 23.15
CA ALA A 354 -3.14 13.06 23.60
C ALA A 354 -3.78 14.44 23.42
N GLY A 355 -4.83 14.52 22.59
CA GLY A 355 -5.48 15.81 22.40
C GLY A 355 -6.05 16.18 21.04
N ASN A 356 -5.31 15.86 19.98
CA ASN A 356 -5.72 16.21 18.62
C ASN A 356 -6.28 17.64 18.58
N TYR A 357 -7.45 17.84 17.97
CA TYR A 357 -8.01 19.18 17.92
C TYR A 357 -9.09 19.40 18.98
N GLY A 358 -8.99 18.66 20.09
CA GLY A 358 -9.94 18.81 21.17
C GLY A 358 -11.13 17.87 21.25
N VAL A 359 -11.24 16.93 20.32
CA VAL A 359 -12.36 16.00 20.35
C VAL A 359 -11.92 14.65 20.88
N ILE A 360 -12.78 14.04 21.69
CA ILE A 360 -12.49 12.74 22.29
C ILE A 360 -13.55 11.73 21.82
N ASP A 361 -13.15 10.49 21.55
CA ASP A 361 -14.11 9.48 21.09
C ASP A 361 -14.72 8.81 22.31
N SER A 362 -16.01 9.02 22.54
CA SER A 362 -16.67 8.44 23.69
C SER A 362 -17.57 7.26 23.39
N ASN A 363 -18.02 7.14 22.14
CA ASN A 363 -18.90 6.03 21.75
C ASN A 363 -18.13 4.72 21.76
N MET A 364 -18.60 3.75 22.52
CA MET A 364 -17.94 2.46 22.59
C MET A 364 -18.92 1.38 22.18
N ILE A 365 -18.38 0.23 21.80
CA ILE A 365 -19.18 -0.92 21.42
C ILE A 365 -19.69 -1.48 22.76
N GLN A 366 -21.00 -1.56 22.92
CA GLN A 366 -21.59 -2.08 24.15
C GLN A 366 -22.24 -3.43 23.87
N PRO A 367 -22.07 -4.42 24.76
CA PRO A 367 -21.30 -4.34 26.01
C PRO A 367 -19.81 -4.49 25.70
N GLN A 368 -18.97 -4.18 26.68
CA GLN A 368 -17.54 -4.28 26.49
C GLN A 368 -17.16 -5.73 26.14
N PRO A 369 -16.53 -5.93 24.98
CA PRO A 369 -16.13 -7.28 24.56
C PRO A 369 -15.12 -7.90 25.52
N GLU A 370 -15.06 -9.23 25.53
CA GLU A 370 -14.16 -9.96 26.41
C GLU A 370 -12.67 -9.66 26.22
N TYR A 371 -12.27 -9.34 24.99
CA TYR A 371 -10.87 -9.06 24.71
C TYR A 371 -10.38 -7.71 25.19
N SER A 372 -11.31 -6.84 25.59
CA SER A 372 -10.97 -5.51 26.09
C SER A 372 -10.83 -5.51 27.60
N ALA A 373 -9.63 -5.22 28.10
CA ALA A 373 -9.40 -5.22 29.54
C ALA A 373 -9.76 -3.92 30.25
N PHE A 374 -9.47 -2.79 29.61
CA PHE A 374 -9.77 -1.50 30.19
C PHE A 374 -9.92 -0.50 29.07
N ARG A 375 -10.85 0.44 29.23
CA ARG A 375 -11.10 1.46 28.22
C ARG A 375 -11.72 2.67 28.88
N GLU A 376 -11.40 3.86 28.35
CA GLU A 376 -11.95 5.09 28.88
C GLU A 376 -11.72 6.24 27.93
N ALA A 377 -12.76 7.07 27.79
CA ALA A 377 -12.70 8.22 26.91
C ALA A 377 -12.18 9.46 27.61
N SER A 378 -10.89 9.48 27.90
CA SER A 378 -10.28 10.64 28.54
C SER A 378 -8.97 10.98 27.85
N PHE A 379 -8.53 12.23 27.93
CA PHE A 379 -7.26 12.62 27.33
C PHE A 379 -6.15 12.26 28.31
N GLY A 380 -4.99 11.90 27.78
CA GLY A 380 -3.87 11.54 28.62
C GLY A 380 -2.71 11.04 27.80
N HIS A 381 -1.75 10.41 28.47
CA HIS A 381 -0.58 9.85 27.80
C HIS A 381 -0.21 8.60 28.55
N GLY A 382 0.85 7.93 28.12
CA GLY A 382 1.26 6.71 28.80
C GLY A 382 2.74 6.63 29.05
N MET A 383 3.13 5.68 29.89
CA MET A 383 4.52 5.47 30.24
C MET A 383 4.77 3.97 30.27
N PHE A 384 5.86 3.55 29.62
CA PHE A 384 6.25 2.16 29.59
C PHE A 384 7.62 2.16 30.27
N ASP A 385 7.65 1.76 31.52
CA ASP A 385 8.86 1.78 32.30
C ASP A 385 9.47 0.38 32.44
N ILE A 386 10.57 0.13 31.75
CA ILE A 386 11.25 -1.17 31.80
C ILE A 386 12.18 -1.27 33.01
N LYS A 387 12.01 -2.34 33.80
CA LYS A 387 12.81 -2.58 35.00
C LYS A 387 13.92 -3.61 34.75
N ASN A 388 13.52 -4.85 34.47
CA ASN A 388 14.47 -5.93 34.18
C ASN A 388 14.02 -6.55 32.87
N ARG A 389 14.63 -7.69 32.53
CA ARG A 389 14.31 -8.43 31.31
C ARG A 389 13.00 -9.15 31.53
N THR A 390 12.51 -9.17 32.76
CA THR A 390 11.28 -9.87 33.04
C THR A 390 10.10 -8.93 33.29
N HIS A 391 10.37 -7.80 33.95
CA HIS A 391 9.32 -6.86 34.29
C HIS A 391 9.36 -5.49 33.63
N ALA A 392 8.18 -4.99 33.27
CA ALA A 392 8.01 -3.68 32.67
C ALA A 392 6.69 -3.15 33.21
N HIS A 393 6.69 -1.92 33.71
CA HIS A 393 5.47 -1.33 34.26
C HIS A 393 4.91 -0.25 33.35
N PHE A 394 3.65 -0.45 32.96
CA PHE A 394 2.95 0.50 32.09
C PHE A 394 1.93 1.26 32.91
N SER A 395 1.79 2.56 32.64
CA SER A 395 0.82 3.35 33.36
C SER A 395 0.21 4.39 32.44
N TRP A 396 -1.04 4.73 32.72
CA TRP A 396 -1.78 5.72 31.95
C TRP A 396 -2.17 6.88 32.88
N ASN A 397 -1.82 8.10 32.47
CA ASN A 397 -2.12 9.29 33.26
C ASN A 397 -3.10 10.21 32.53
N ARG A 398 -4.25 10.46 33.15
CA ARG A 398 -5.29 11.31 32.58
C ARG A 398 -4.98 12.79 32.82
N ASN A 399 -5.54 13.65 31.97
CA ASN A 399 -5.30 15.08 32.12
C ASN A 399 -6.07 15.68 33.30
N GLN A 400 -7.19 15.07 33.68
CA GLN A 400 -7.98 15.56 34.82
C GLN A 400 -7.28 15.29 36.14
N ASP A 401 -6.57 14.17 36.24
CA ASP A 401 -5.88 13.83 37.47
C ASP A 401 -4.58 14.59 37.65
N GLY A 402 -3.95 14.40 38.80
CA GLY A 402 -2.70 15.06 39.07
C GLY A 402 -1.61 14.41 38.23
N VAL A 403 -0.52 15.14 38.02
CA VAL A 403 0.59 14.63 37.23
C VAL A 403 1.16 13.29 37.69
N ALA A 404 0.99 12.96 38.96
CA ALA A 404 1.53 11.71 39.50
C ALA A 404 0.50 10.58 39.67
N VAL A 405 -0.76 10.85 39.32
CA VAL A 405 -1.83 9.86 39.44
C VAL A 405 -1.87 8.90 38.24
N GLU A 406 -1.81 7.60 38.50
CA GLU A 406 -1.86 6.61 37.44
C GLU A 406 -3.28 6.03 37.39
N ALA A 407 -4.10 6.53 36.47
CA ALA A 407 -5.49 6.08 36.33
C ALA A 407 -5.56 4.60 35.97
N ASP A 408 -4.49 4.09 35.40
CA ASP A 408 -4.43 2.69 35.02
C ASP A 408 -2.97 2.25 35.02
N SER A 409 -2.67 1.22 35.79
CA SER A 409 -1.30 0.72 35.85
C SER A 409 -1.36 -0.79 35.67
N VAL A 410 -0.34 -1.32 35.01
CA VAL A 410 -0.27 -2.75 34.76
C VAL A 410 1.17 -3.21 34.67
N TRP A 411 1.45 -4.37 35.22
CA TRP A 411 2.79 -4.92 35.12
C TRP A 411 2.80 -5.88 33.95
N PHE A 412 3.79 -5.72 33.08
CA PHE A 412 3.93 -6.56 31.91
C PHE A 412 5.01 -7.61 32.20
N PHE A 413 4.70 -8.88 32.00
CA PHE A 413 5.69 -9.91 32.21
C PHE A 413 6.17 -10.30 30.82
N ASN A 414 7.49 -10.22 30.61
CA ASN A 414 8.07 -10.53 29.32
C ASN A 414 7.62 -11.88 28.75
N ARG A 415 7.19 -11.88 27.50
CA ARG A 415 6.71 -13.11 26.86
C ARG A 415 7.83 -14.11 26.60
N HIS A 416 9.06 -13.65 26.63
CA HIS A 416 10.19 -14.54 26.37
C HIS A 416 10.86 -15.04 27.63
N TRP A 417 11.11 -14.13 28.58
CA TRP A 417 11.80 -14.52 29.81
C TRP A 417 10.90 -14.84 31.02
N TYR A 418 9.69 -14.27 31.05
CA TYR A 418 8.80 -14.48 32.17
C TYR A 418 7.37 -14.72 31.67
N PRO A 419 7.17 -15.81 30.91
CA PRO A 419 5.88 -16.21 30.32
C PRO A 419 4.74 -16.55 31.29
N VAL A 420 4.44 -15.65 32.22
CA VAL A 420 3.36 -15.92 33.15
C VAL A 420 2.18 -15.01 32.90
N ASP A 421 0.99 -15.50 33.26
CA ASP A 421 -0.23 -14.75 33.08
C ASP A 421 -0.18 -13.40 33.79
N ASP A 422 -0.11 -12.31 33.02
CA ASP A 422 -0.07 -10.98 33.61
C ASP A 422 -1.39 -10.23 33.44
N SER A 423 -2.49 -10.96 33.49
CA SER A 423 -3.84 -10.40 33.35
C SER A 423 -4.20 -9.57 34.58
N THR A 424 -5.13 -8.63 34.41
CA THR A 424 -5.57 -7.77 35.53
C THR A 424 -7.01 -8.11 35.96
N ARG B 1 9.75 -24.83 -17.24
CA ARG B 1 9.74 -25.22 -18.65
C ARG B 1 9.24 -24.13 -19.60
N ASP B 2 9.92 -22.99 -19.60
CA ASP B 2 9.56 -21.88 -20.49
C ASP B 2 10.07 -22.22 -21.87
N MET B 3 9.61 -21.48 -22.89
CA MET B 3 10.07 -21.71 -24.25
C MET B 3 11.46 -21.10 -24.41
N PRO B 4 12.39 -21.83 -25.04
CA PRO B 4 13.76 -21.35 -25.26
C PRO B 4 13.84 -20.08 -26.10
N LEU B 5 14.89 -19.30 -25.89
CA LEU B 5 15.07 -18.06 -26.61
C LEU B 5 15.06 -18.19 -28.12
N ASP B 6 15.38 -19.37 -28.64
CA ASP B 6 15.39 -19.56 -30.09
C ASP B 6 14.04 -19.99 -30.65
N SER B 7 13.01 -20.03 -29.81
CA SER B 7 11.68 -20.42 -30.25
C SER B 7 11.14 -19.50 -31.32
N ASP B 8 10.42 -20.09 -32.28
CA ASP B 8 9.87 -19.36 -33.39
C ASP B 8 9.05 -18.14 -33.00
N VAL B 9 8.32 -18.25 -31.90
CA VAL B 9 7.47 -17.16 -31.45
C VAL B 9 8.24 -15.96 -30.86
N PHE B 10 9.52 -16.14 -30.58
CA PHE B 10 10.34 -15.05 -30.04
C PHE B 10 11.17 -14.40 -31.15
N ARG B 11 11.03 -14.94 -32.36
CA ARG B 11 11.73 -14.45 -33.53
C ARG B 11 11.64 -12.93 -33.61
N VAL B 12 12.72 -12.28 -34.00
CA VAL B 12 12.69 -10.83 -34.10
C VAL B 12 12.43 -10.40 -35.53
N PRO B 13 11.42 -9.54 -35.75
CA PRO B 13 11.09 -9.08 -37.10
C PRO B 13 12.32 -8.49 -37.81
N PRO B 14 12.51 -8.86 -39.10
CA PRO B 14 13.62 -8.42 -39.94
C PRO B 14 13.56 -6.95 -40.33
N GLY B 15 14.72 -6.43 -40.73
CA GLY B 15 14.80 -5.03 -41.12
C GLY B 15 15.55 -4.23 -40.09
N TYR B 16 16.16 -3.12 -40.52
CA TYR B 16 16.91 -2.28 -39.60
C TYR B 16 15.99 -1.52 -38.66
N ASN B 17 16.27 -1.60 -37.36
CA ASN B 17 15.49 -0.91 -36.34
C ASN B 17 13.99 -1.17 -36.52
N ALA B 18 13.65 -2.39 -36.92
CA ALA B 18 12.26 -2.77 -37.12
C ALA B 18 11.50 -2.70 -35.80
N PRO B 19 10.33 -2.07 -35.79
CA PRO B 19 9.54 -1.98 -34.56
C PRO B 19 9.23 -3.38 -34.06
N GLN B 20 9.38 -3.61 -32.76
CA GLN B 20 9.08 -4.92 -32.19
C GLN B 20 8.34 -4.76 -30.85
N GLN B 21 7.81 -5.85 -30.33
CA GLN B 21 7.07 -5.83 -29.06
C GLN B 21 5.93 -4.80 -29.13
N VAL B 22 5.23 -4.78 -30.25
CA VAL B 22 4.13 -3.83 -30.45
C VAL B 22 2.90 -4.29 -29.66
N HIS B 23 2.22 -3.34 -29.02
CA HIS B 23 1.03 -3.65 -28.24
C HIS B 23 0.19 -2.39 -28.05
N ILE B 24 -1.14 -2.56 -27.99
CA ILE B 24 -2.07 -1.45 -27.84
C ILE B 24 -3.03 -1.61 -26.66
N THR B 25 -3.63 -0.49 -26.21
CA THR B 25 -4.61 -0.50 -25.13
C THR B 25 -5.48 0.72 -25.30
N GLN B 26 -6.65 0.70 -24.69
CA GLN B 26 -7.54 1.83 -24.77
C GLN B 26 -6.81 3.04 -24.18
N GLY B 27 -6.88 4.18 -24.87
CA GLY B 27 -6.18 5.36 -24.39
C GLY B 27 -7.03 6.43 -23.75
N ASP B 28 -8.32 6.18 -23.60
CA ASP B 28 -9.21 7.15 -22.97
C ASP B 28 -10.31 6.42 -22.20
N LEU B 29 -11.21 7.20 -21.62
CA LEU B 29 -12.31 6.66 -20.83
C LEU B 29 -13.43 5.95 -21.59
N VAL B 30 -13.83 6.51 -22.73
CA VAL B 30 -14.94 5.95 -23.50
C VAL B 30 -14.61 5.05 -24.67
N GLY B 31 -13.34 4.98 -25.06
CA GLY B 31 -12.97 4.11 -26.15
C GLY B 31 -12.66 4.74 -27.51
N ARG B 32 -12.45 6.04 -27.56
CA ARG B 32 -12.13 6.63 -28.85
C ARG B 32 -10.69 7.13 -28.87
N ALA B 33 -9.82 6.38 -28.21
CA ALA B 33 -8.40 6.68 -28.13
C ALA B 33 -7.68 5.35 -27.94
N MET B 34 -6.43 5.31 -28.35
CA MET B 34 -5.67 4.08 -28.25
C MET B 34 -4.19 4.42 -27.98
N ILE B 35 -3.56 3.67 -27.08
CA ILE B 35 -2.14 3.89 -26.80
C ILE B 35 -1.36 2.86 -27.60
N ILE B 36 -0.51 3.32 -28.51
CA ILE B 36 0.31 2.44 -29.33
C ILE B 36 1.71 2.40 -28.69
N SER B 37 2.20 1.19 -28.40
CA SER B 37 3.51 1.02 -27.78
C SER B 37 4.39 0.03 -28.54
N TRP B 38 5.69 0.32 -28.58
CA TRP B 38 6.63 -0.56 -29.25
C TRP B 38 8.06 -0.28 -28.83
N VAL B 39 8.98 -1.15 -29.23
CA VAL B 39 10.38 -1.00 -28.90
C VAL B 39 11.24 -1.05 -30.16
N THR B 40 12.37 -0.34 -30.13
CA THR B 40 13.31 -0.38 -31.24
C THR B 40 14.67 -0.65 -30.58
N MET B 41 15.48 -1.52 -31.17
CA MET B 41 16.76 -1.85 -30.57
C MET B 41 17.98 -1.22 -31.22
N ASP B 42 17.95 -1.03 -32.53
CA ASP B 42 19.09 -0.47 -33.22
C ASP B 42 19.38 0.99 -32.92
N GLU B 43 18.34 1.82 -32.85
CA GLU B 43 18.53 3.22 -32.52
C GLU B 43 17.20 3.82 -32.10
N PRO B 44 17.22 5.02 -31.48
CA PRO B 44 15.99 5.66 -31.04
C PRO B 44 14.81 5.56 -32.01
N GLY B 45 14.97 6.07 -33.22
CA GLY B 45 13.87 6.00 -34.18
C GLY B 45 12.80 7.04 -33.88
N SER B 46 11.77 7.10 -34.72
CA SER B 46 10.70 8.08 -34.54
C SER B 46 9.59 7.55 -33.63
N SER B 47 8.94 8.46 -32.89
CA SER B 47 7.85 8.06 -32.01
C SER B 47 6.54 8.42 -32.67
N ALA B 48 6.58 8.52 -34.01
CA ALA B 48 5.40 8.87 -34.77
C ALA B 48 4.59 7.63 -35.10
N VAL B 49 3.29 7.80 -35.23
CA VAL B 49 2.39 6.73 -35.57
C VAL B 49 1.51 7.27 -36.68
N ARG B 50 1.52 6.59 -37.82
CA ARG B 50 0.71 7.00 -38.96
C ARG B 50 -0.48 6.06 -39.00
N TYR B 51 -1.68 6.62 -39.03
CA TYR B 51 -2.89 5.82 -39.05
C TYR B 51 -3.95 6.41 -39.97
N TRP B 52 -4.93 5.58 -40.34
CA TRP B 52 -6.00 6.00 -41.21
C TRP B 52 -7.11 4.94 -41.16
N SER B 53 -8.36 5.37 -41.35
CA SER B 53 -9.48 4.43 -41.33
C SER B 53 -9.64 3.75 -42.68
N GLU B 54 -10.12 2.51 -42.67
CA GLU B 54 -10.30 1.74 -43.89
C GLU B 54 -11.09 2.51 -44.94
N LYS B 55 -12.16 3.17 -44.52
CA LYS B 55 -12.98 3.98 -45.41
C LYS B 55 -12.23 5.26 -45.81
N ASN B 56 -12.31 6.27 -44.97
CA ASN B 56 -11.63 7.56 -45.18
C ASN B 56 -10.12 7.30 -45.29
N GLY B 57 -9.57 7.42 -46.50
CA GLY B 57 -8.15 7.17 -46.69
C GLY B 57 -7.23 8.22 -46.08
N ARG B 58 -7.79 9.32 -45.56
CA ARG B 58 -7.00 10.41 -44.98
C ARG B 58 -6.03 9.92 -43.91
N LYS B 59 -4.74 9.97 -44.23
CA LYS B 59 -3.71 9.53 -43.31
C LYS B 59 -3.30 10.64 -42.35
N ARG B 60 -3.24 10.31 -41.06
CA ARG B 60 -2.86 11.28 -40.03
C ARG B 60 -1.63 10.79 -39.28
N ILE B 61 -0.93 11.71 -38.62
CA ILE B 61 0.26 11.36 -37.87
C ILE B 61 0.21 11.90 -36.44
N ALA B 62 0.46 11.03 -35.47
CA ALA B 62 0.47 11.42 -34.07
C ALA B 62 1.87 11.19 -33.51
N LYS B 63 2.36 12.14 -32.72
CA LYS B 63 3.69 12.04 -32.12
C LYS B 63 3.61 11.59 -30.67
N GLY B 64 4.59 10.82 -30.23
CA GLY B 64 4.62 10.34 -28.86
C GLY B 64 5.93 10.61 -28.15
N LYS B 65 6.13 9.94 -27.02
CA LYS B 65 7.36 10.10 -26.24
C LYS B 65 8.17 8.81 -26.29
N MET B 66 9.47 8.93 -26.04
CA MET B 66 10.34 7.76 -26.01
C MET B 66 11.03 7.72 -24.67
N SER B 67 11.35 6.52 -24.21
CA SER B 67 12.03 6.38 -22.93
C SER B 67 12.89 5.14 -22.89
N THR B 68 13.75 5.05 -21.87
CA THR B 68 14.63 3.92 -21.68
C THR B 68 14.81 3.70 -20.19
N TYR B 69 15.40 2.57 -19.81
CA TYR B 69 15.64 2.30 -18.41
C TYR B 69 16.68 1.19 -18.28
N ARG B 70 17.20 1.01 -17.08
CA ARG B 70 18.20 -0.01 -16.80
C ARG B 70 17.71 -0.76 -15.57
N PHE B 71 17.89 -2.07 -15.54
CA PHE B 71 17.46 -2.76 -14.35
C PHE B 71 18.71 -3.00 -13.53
N PHE B 72 19.41 -4.10 -13.77
CA PHE B 72 20.62 -4.32 -12.99
C PHE B 72 21.73 -4.01 -13.98
N ASN B 73 22.28 -5.05 -14.59
CA ASN B 73 23.30 -4.87 -15.60
C ASN B 73 22.58 -4.93 -16.96
N TYR B 74 21.26 -4.77 -16.92
CA TYR B 74 20.45 -4.81 -18.14
C TYR B 74 20.12 -3.40 -18.66
N SER B 75 20.20 -3.22 -19.97
CA SER B 75 19.89 -1.92 -20.59
C SER B 75 18.78 -2.13 -21.59
N SER B 76 17.72 -1.34 -21.46
CA SER B 76 16.59 -1.48 -22.36
C SER B 76 16.85 -0.87 -23.71
N GLY B 77 15.98 -1.21 -24.64
CA GLY B 77 16.08 -0.65 -25.96
C GLY B 77 15.30 0.64 -25.83
N PHE B 78 14.83 1.15 -26.96
CA PHE B 78 14.09 2.39 -26.98
C PHE B 78 12.59 2.12 -27.01
N ILE B 79 11.94 2.49 -25.92
CA ILE B 79 10.52 2.29 -25.75
C ILE B 79 9.72 3.50 -26.23
N HIS B 80 8.71 3.25 -27.06
CA HIS B 80 7.87 4.33 -27.57
C HIS B 80 6.42 4.16 -27.14
N HIS B 81 5.79 5.28 -26.77
CA HIS B 81 4.40 5.30 -26.35
C HIS B 81 3.74 6.49 -27.04
N THR B 82 2.71 6.22 -27.83
CA THR B 82 2.00 7.27 -28.55
C THR B 82 0.50 7.12 -28.38
N THR B 83 -0.18 8.23 -28.12
CA THR B 83 -1.62 8.18 -27.95
C THR B 83 -2.39 8.79 -29.12
N ILE B 84 -3.18 7.96 -29.78
CA ILE B 84 -4.01 8.36 -30.92
C ILE B 84 -5.39 8.66 -30.33
N ARG B 85 -5.86 9.89 -30.48
CA ARG B 85 -7.16 10.24 -29.93
C ARG B 85 -8.18 10.68 -30.98
N LYS B 86 -9.38 11.04 -30.53
CA LYS B 86 -10.46 11.47 -31.40
C LYS B 86 -10.79 10.51 -32.55
N LEU B 87 -10.68 9.21 -32.30
CA LEU B 87 -11.00 8.21 -33.31
C LEU B 87 -12.52 8.07 -33.43
N LYS B 88 -12.96 7.32 -34.43
CA LYS B 88 -14.40 7.09 -34.63
C LYS B 88 -14.78 5.74 -34.09
N TYR B 89 -15.99 5.63 -33.56
CA TYR B 89 -16.47 4.37 -32.99
C TYR B 89 -16.66 3.30 -34.04
N ASN B 90 -16.70 2.06 -33.57
CA ASN B 90 -16.89 0.89 -34.40
C ASN B 90 -16.39 1.01 -35.84
N THR B 91 -15.10 1.33 -35.99
CA THR B 91 -14.49 1.45 -37.31
C THR B 91 -13.05 0.92 -37.31
N LYS B 92 -12.68 0.24 -38.40
CA LYS B 92 -11.36 -0.34 -38.55
C LYS B 92 -10.34 0.75 -38.93
N TYR B 93 -9.17 0.69 -38.29
CA TYR B 93 -8.09 1.63 -38.53
C TYR B 93 -6.80 0.89 -38.80
N TYR B 94 -5.96 1.47 -39.64
CA TYR B 94 -4.65 0.88 -39.94
C TYR B 94 -3.65 1.84 -39.32
N TYR B 95 -2.56 1.31 -38.79
CA TYR B 95 -1.53 2.18 -38.24
C TYR B 95 -0.16 1.59 -38.53
N GLU B 96 0.74 2.46 -38.96
CA GLU B 96 2.10 2.05 -39.27
C GLU B 96 3.02 2.67 -38.26
N VAL B 97 4.11 1.97 -37.98
CA VAL B 97 5.04 2.43 -36.99
C VAL B 97 6.48 2.13 -37.42
N GLY B 98 7.42 2.97 -37.00
CA GLY B 98 8.81 2.80 -37.37
C GLY B 98 9.02 3.53 -38.69
N LEU B 99 8.32 4.64 -38.85
CA LEU B 99 8.37 5.43 -40.07
C LEU B 99 9.75 5.73 -40.64
N ARG B 100 10.58 6.38 -39.84
CA ARG B 100 11.91 6.76 -40.29
C ARG B 100 12.71 5.64 -40.99
N ASN B 101 12.67 4.43 -40.41
CA ASN B 101 13.44 3.29 -40.93
C ASN B 101 12.59 2.14 -41.48
N THR B 102 12.71 0.94 -40.89
CA THR B 102 11.91 -0.21 -41.35
C THR B 102 10.49 -0.10 -40.82
N THR B 103 9.51 0.02 -41.71
CA THR B 103 8.11 0.16 -41.33
C THR B 103 7.31 -1.14 -41.26
N ARG B 104 6.47 -1.25 -40.22
CA ARG B 104 5.59 -2.41 -40.04
C ARG B 104 4.16 -1.89 -39.86
N ARG B 105 3.18 -2.62 -40.37
CA ARG B 105 1.78 -2.18 -40.29
C ARG B 105 0.86 -3.15 -39.56
N PHE B 106 -0.07 -2.58 -38.78
CA PHE B 106 -1.04 -3.37 -38.03
C PHE B 106 -2.41 -2.69 -38.15
N SER B 107 -3.43 -3.27 -37.51
CA SER B 107 -4.75 -2.69 -37.55
C SER B 107 -5.53 -3.04 -36.28
N PHE B 108 -6.56 -2.26 -36.00
CA PHE B 108 -7.39 -2.50 -34.83
C PHE B 108 -8.77 -1.94 -35.13
N ILE B 109 -9.78 -2.41 -34.40
CA ILE B 109 -11.14 -1.93 -34.62
C ILE B 109 -11.71 -1.28 -33.36
N THR B 110 -11.93 0.02 -33.42
CA THR B 110 -12.47 0.75 -32.27
C THR B 110 -13.81 0.13 -31.89
N PRO B 111 -14.15 0.16 -30.59
CA PRO B 111 -15.40 -0.40 -30.09
C PRO B 111 -16.59 0.50 -30.42
N PRO B 112 -17.81 -0.05 -30.32
CA PRO B 112 -18.98 0.77 -30.63
C PRO B 112 -19.14 1.78 -29.50
N GLN B 113 -19.92 2.82 -29.71
CA GLN B 113 -20.13 3.83 -28.68
C GLN B 113 -20.75 3.15 -27.46
N THR B 114 -20.51 3.69 -26.27
CA THR B 114 -21.07 3.06 -25.07
C THR B 114 -22.58 3.13 -25.09
N GLY B 115 -23.21 2.03 -24.69
CA GLY B 115 -24.66 1.97 -24.68
C GLY B 115 -25.22 0.88 -23.79
N LEU B 116 -26.53 0.90 -23.61
CA LEU B 116 -27.20 -0.06 -22.75
C LEU B 116 -27.22 -1.49 -23.27
N ASP B 117 -27.57 -1.70 -24.54
CA ASP B 117 -27.61 -3.06 -25.07
C ASP B 117 -26.53 -3.34 -26.11
N VAL B 118 -25.40 -2.65 -25.99
CA VAL B 118 -24.32 -2.86 -26.94
C VAL B 118 -23.57 -4.15 -26.66
N PRO B 119 -23.63 -5.10 -27.61
CA PRO B 119 -22.93 -6.38 -27.42
C PRO B 119 -21.41 -6.24 -27.58
N TYR B 120 -20.69 -7.06 -26.83
CA TYR B 120 -19.24 -7.07 -26.89
C TYR B 120 -18.74 -8.33 -26.24
N THR B 121 -17.65 -8.89 -26.77
CA THR B 121 -17.12 -10.11 -26.18
C THR B 121 -15.67 -9.89 -25.74
N PHE B 122 -15.43 -10.10 -24.44
CA PHE B 122 -14.13 -9.91 -23.82
C PHE B 122 -13.41 -11.22 -23.61
N GLY B 123 -12.09 -11.16 -23.63
CA GLY B 123 -11.29 -12.34 -23.38
C GLY B 123 -10.75 -12.22 -21.96
N LEU B 124 -10.50 -13.35 -21.32
CA LEU B 124 -9.97 -13.36 -19.96
C LEU B 124 -8.76 -14.27 -19.88
N ILE B 125 -7.61 -13.66 -19.64
CA ILE B 125 -6.34 -14.37 -19.55
C ILE B 125 -5.61 -13.88 -18.30
N GLY B 126 -5.03 -14.82 -17.55
CA GLY B 126 -4.32 -14.44 -16.35
C GLY B 126 -3.07 -15.27 -16.15
N ASP B 127 -2.01 -14.65 -15.62
CA ASP B 127 -0.76 -15.36 -15.37
C ASP B 127 -0.33 -16.14 -16.62
N LEU B 128 -0.25 -15.44 -17.75
CA LEU B 128 0.12 -16.05 -19.03
C LEU B 128 1.51 -16.68 -19.02
N GLY B 129 2.53 -15.84 -18.82
CA GLY B 129 3.89 -16.35 -18.82
C GLY B 129 4.35 -16.62 -20.25
N GLN B 130 5.40 -17.42 -20.40
CA GLN B 130 5.90 -17.74 -21.72
C GLN B 130 6.40 -19.18 -21.84
N SER B 131 5.59 -20.11 -21.36
CA SER B 131 5.90 -21.53 -21.42
C SER B 131 5.12 -22.12 -22.59
N PHE B 132 5.43 -23.36 -22.95
CA PHE B 132 4.73 -23.99 -24.06
C PHE B 132 3.23 -23.95 -23.82
N ASP B 133 2.81 -24.15 -22.58
CA ASP B 133 1.40 -24.11 -22.24
C ASP B 133 0.81 -22.73 -22.57
N SER B 134 1.58 -21.68 -22.28
CA SER B 134 1.15 -20.31 -22.55
C SER B 134 0.80 -20.11 -24.03
N ASN B 135 1.61 -20.71 -24.91
CA ASN B 135 1.41 -20.58 -26.35
C ASN B 135 0.12 -21.27 -26.76
N THR B 136 -0.14 -22.42 -26.14
CA THR B 136 -1.35 -23.17 -26.45
C THR B 136 -2.55 -22.34 -26.04
N THR B 137 -2.50 -21.74 -24.85
CA THR B 137 -3.61 -20.92 -24.39
C THR B 137 -3.85 -19.77 -25.36
N LEU B 138 -2.78 -19.07 -25.74
CA LEU B 138 -2.94 -17.95 -26.66
C LEU B 138 -3.55 -18.39 -27.98
N SER B 139 -3.18 -19.59 -28.45
CA SER B 139 -3.72 -20.14 -29.70
C SER B 139 -5.22 -20.34 -29.59
N HIS B 140 -5.66 -21.04 -28.55
CA HIS B 140 -7.09 -21.29 -28.36
C HIS B 140 -7.91 -20.01 -28.36
N TYR B 141 -7.36 -18.95 -27.75
CA TYR B 141 -8.06 -17.68 -27.71
C TYR B 141 -8.19 -17.08 -29.12
N GLU B 142 -7.15 -17.24 -29.94
CA GLU B 142 -7.15 -16.72 -31.31
C GLU B 142 -8.10 -17.51 -32.20
N LEU B 143 -8.13 -18.83 -32.02
CA LEU B 143 -8.98 -19.70 -32.83
C LEU B 143 -10.39 -19.81 -32.29
N SER B 144 -10.65 -19.19 -31.15
CA SER B 144 -11.98 -19.23 -30.56
C SER B 144 -13.04 -18.92 -31.60
N PRO B 145 -14.08 -19.77 -31.69
CA PRO B 145 -15.15 -19.55 -32.66
C PRO B 145 -15.87 -18.22 -32.43
N LYS B 146 -16.04 -17.84 -31.17
CA LYS B 146 -16.69 -16.57 -30.82
C LYS B 146 -15.57 -15.55 -30.59
N LYS B 147 -14.99 -15.06 -31.69
CA LYS B 147 -13.88 -14.11 -31.65
C LYS B 147 -13.89 -13.10 -30.51
N GLY B 148 -12.77 -13.01 -29.80
CA GLY B 148 -12.64 -12.06 -28.71
C GLY B 148 -12.24 -10.71 -29.29
N GLN B 149 -12.77 -9.63 -28.74
CA GLN B 149 -12.45 -8.29 -29.27
C GLN B 149 -11.54 -7.44 -28.38
N THR B 150 -11.31 -7.89 -27.16
CA THR B 150 -10.45 -7.20 -26.20
C THR B 150 -10.18 -8.18 -25.08
N VAL B 151 -8.97 -8.17 -24.56
CA VAL B 151 -8.60 -9.08 -23.49
C VAL B 151 -8.48 -8.33 -22.18
N LEU B 152 -8.94 -8.96 -21.10
CA LEU B 152 -8.82 -8.37 -19.79
C LEU B 152 -7.74 -9.22 -19.13
N PHE B 153 -6.57 -8.61 -18.90
CA PHE B 153 -5.45 -9.31 -18.31
C PHE B 153 -5.45 -9.12 -16.81
N VAL B 154 -5.51 -10.24 -16.10
CA VAL B 154 -5.64 -10.19 -14.67
C VAL B 154 -4.34 -10.28 -13.83
N GLY B 155 -3.18 -10.11 -14.48
CA GLY B 155 -1.93 -10.12 -13.72
C GLY B 155 -0.88 -11.18 -14.02
N ASP B 156 0.37 -10.87 -13.66
CA ASP B 156 1.52 -11.76 -13.89
C ASP B 156 1.70 -11.97 -15.38
N LEU B 157 2.45 -11.07 -15.99
CA LEU B 157 2.69 -11.10 -17.42
C LEU B 157 3.77 -12.04 -17.93
N SER B 158 5.03 -11.61 -17.80
CA SER B 158 6.18 -12.35 -18.30
C SER B 158 6.87 -13.33 -17.36
N TYR B 159 6.75 -13.11 -16.06
CA TYR B 159 7.42 -13.96 -15.07
C TYR B 159 8.94 -13.86 -15.20
N ALA B 160 9.41 -12.78 -15.83
CA ALA B 160 10.86 -12.61 -15.99
C ALA B 160 11.60 -12.54 -14.65
N ASP B 161 10.87 -12.32 -13.56
CA ASP B 161 11.53 -12.22 -12.26
C ASP B 161 11.96 -13.56 -11.72
N ARG B 162 11.70 -14.64 -12.47
CA ARG B 162 12.12 -15.96 -12.00
C ARG B 162 13.53 -16.25 -12.48
N TYR B 163 14.01 -15.47 -13.44
CA TYR B 163 15.35 -15.66 -13.95
C TYR B 163 16.33 -14.87 -13.08
N PRO B 164 17.63 -15.19 -13.17
CA PRO B 164 18.63 -14.48 -12.36
C PRO B 164 18.70 -12.99 -12.70
N ASN B 165 18.61 -12.15 -11.67
CA ASN B 165 18.64 -10.70 -11.85
C ASN B 165 17.40 -10.27 -12.64
N HIS B 166 16.36 -11.09 -12.57
CA HIS B 166 15.11 -10.84 -13.28
C HIS B 166 15.37 -10.61 -14.78
N ASP B 167 16.42 -11.24 -15.31
CA ASP B 167 16.78 -11.11 -16.72
C ASP B 167 15.72 -10.43 -17.55
N ASN B 168 15.79 -9.10 -17.67
CA ASN B 168 14.78 -8.37 -18.43
C ASN B 168 14.68 -8.76 -19.90
N VAL B 169 15.58 -9.62 -20.37
CA VAL B 169 15.50 -10.06 -21.75
C VAL B 169 14.19 -10.83 -21.88
N ARG B 170 13.79 -11.49 -20.80
CA ARG B 170 12.55 -12.25 -20.77
C ARG B 170 11.31 -11.37 -20.88
N TRP B 171 11.48 -10.06 -20.65
CA TRP B 171 10.36 -9.14 -20.80
C TRP B 171 10.25 -8.86 -22.29
N ASP B 172 11.40 -8.73 -22.94
CA ASP B 172 11.44 -8.49 -24.37
C ASP B 172 10.84 -9.67 -25.13
N THR B 173 11.30 -10.89 -24.85
CA THR B 173 10.77 -12.05 -25.55
C THR B 173 9.23 -12.12 -25.42
N TRP B 174 8.74 -11.88 -24.21
CA TRP B 174 7.30 -11.89 -23.94
C TRP B 174 6.59 -10.83 -24.76
N GLY B 175 7.33 -9.76 -25.09
CA GLY B 175 6.75 -8.70 -25.88
C GLY B 175 6.53 -9.13 -27.31
N ARG B 176 7.48 -9.88 -27.87
CA ARG B 176 7.37 -10.34 -29.25
C ARG B 176 6.35 -11.47 -29.33
N PHE B 177 6.39 -12.35 -28.33
CA PHE B 177 5.49 -13.49 -28.22
C PHE B 177 4.01 -13.11 -28.27
N THR B 178 3.63 -12.14 -27.46
CA THR B 178 2.24 -11.71 -27.37
C THR B 178 1.84 -10.71 -28.45
N GLU B 179 2.82 -10.14 -29.16
CA GLU B 179 2.52 -9.16 -30.21
C GLU B 179 1.43 -9.61 -31.18
N ARG B 180 1.49 -10.88 -31.59
CA ARG B 180 0.53 -11.41 -32.54
C ARG B 180 -0.92 -11.15 -32.17
N SER B 181 -1.16 -10.74 -30.93
CA SER B 181 -2.52 -10.47 -30.47
C SER B 181 -2.71 -9.04 -29.98
N VAL B 182 -1.88 -8.62 -29.02
CA VAL B 182 -1.97 -7.29 -28.44
C VAL B 182 -1.70 -6.16 -29.42
N ALA B 183 -1.26 -6.49 -30.63
CA ALA B 183 -0.96 -5.46 -31.62
C ALA B 183 -2.21 -5.16 -32.45
N TYR B 184 -3.14 -6.11 -32.45
CA TYR B 184 -4.38 -5.97 -33.23
C TYR B 184 -5.62 -5.69 -32.39
N GLN B 185 -5.61 -6.07 -31.12
CA GLN B 185 -6.74 -5.80 -30.25
C GLN B 185 -6.20 -5.42 -28.87
N PRO B 186 -6.83 -4.45 -28.21
CA PRO B 186 -6.36 -4.02 -26.89
C PRO B 186 -6.43 -5.07 -25.77
N TRP B 187 -5.52 -4.92 -24.82
CA TRP B 187 -5.47 -5.78 -23.63
C TRP B 187 -5.50 -4.78 -22.48
N ILE B 188 -6.33 -5.05 -21.48
CA ILE B 188 -6.46 -4.17 -20.32
C ILE B 188 -5.54 -4.71 -19.25
N TRP B 189 -4.53 -3.93 -18.86
CA TRP B 189 -3.56 -4.39 -17.88
C TRP B 189 -3.91 -4.27 -16.40
N THR B 190 -3.55 -5.31 -15.65
CA THR B 190 -3.74 -5.38 -14.21
C THR B 190 -2.41 -5.86 -13.65
N ALA B 191 -1.86 -5.14 -12.67
CA ALA B 191 -0.56 -5.53 -12.10
C ALA B 191 -0.65 -6.71 -11.15
N GLY B 192 0.25 -7.66 -11.34
CA GLY B 192 0.29 -8.85 -10.50
C GLY B 192 1.53 -8.87 -9.62
N ASN B 193 1.60 -9.82 -8.68
CA ASN B 193 2.75 -9.85 -7.79
C ASN B 193 4.07 -10.06 -8.53
N HIS B 194 4.04 -10.66 -9.70
CA HIS B 194 5.27 -10.86 -10.44
C HIS B 194 5.74 -9.60 -11.17
N GLU B 195 4.98 -8.52 -11.00
CA GLU B 195 5.34 -7.25 -11.62
C GLU B 195 5.99 -6.35 -10.57
N ILE B 196 5.82 -6.67 -9.28
CA ILE B 196 6.41 -5.87 -8.22
C ILE B 196 7.92 -5.74 -8.44
N GLU B 197 8.58 -6.88 -8.62
CA GLU B 197 10.02 -6.94 -8.85
C GLU B 197 10.83 -6.06 -7.89
N PHE B 198 10.61 -6.28 -6.61
CA PHE B 198 11.32 -5.54 -5.57
C PHE B 198 12.59 -6.34 -5.25
N ALA B 199 13.74 -5.87 -5.72
CA ALA B 199 14.98 -6.59 -5.49
C ALA B 199 16.10 -5.78 -4.84
N PRO B 200 16.02 -5.57 -3.51
CA PRO B 200 17.03 -4.80 -2.78
C PRO B 200 18.47 -5.27 -3.04
N GLU B 201 18.66 -6.57 -3.15
CA GLU B 201 19.99 -7.14 -3.38
C GLU B 201 20.67 -6.44 -4.53
N ILE B 202 19.99 -6.38 -5.67
CA ILE B 202 20.56 -5.76 -6.84
C ILE B 202 20.25 -4.27 -6.96
N ASN B 203 19.92 -3.65 -5.84
CA ASN B 203 19.62 -2.23 -5.78
C ASN B 203 18.45 -1.76 -6.65
N GLU B 204 17.42 -2.60 -6.80
CA GLU B 204 16.23 -2.24 -7.58
C GLU B 204 15.10 -2.22 -6.58
N THR B 205 14.88 -1.05 -5.99
CA THR B 205 13.87 -0.90 -4.96
C THR B 205 12.56 -0.22 -5.35
N GLU B 206 12.42 0.23 -6.59
CA GLU B 206 11.18 0.87 -6.97
C GLU B 206 10.21 -0.18 -7.54
N PRO B 207 9.09 -0.43 -6.84
CA PRO B 207 8.11 -1.41 -7.29
C PRO B 207 7.54 -1.15 -8.68
N PHE B 208 7.30 -2.22 -9.44
CA PHE B 208 6.73 -2.16 -10.77
C PHE B 208 7.55 -1.43 -11.83
N LYS B 209 8.85 -1.26 -11.59
CA LYS B 209 9.67 -0.52 -12.55
C LYS B 209 9.63 -1.06 -14.00
N PRO B 210 10.12 -2.28 -14.23
CA PRO B 210 10.09 -2.78 -15.62
C PRO B 210 8.69 -2.66 -16.22
N PHE B 211 7.70 -3.20 -15.50
CA PHE B 211 6.32 -3.16 -15.95
C PHE B 211 5.82 -1.78 -16.33
N SER B 212 5.93 -0.82 -15.41
CA SER B 212 5.44 0.53 -15.66
C SER B 212 6.07 1.22 -16.86
N TYR B 213 7.33 0.90 -17.15
CA TYR B 213 7.99 1.51 -18.30
C TYR B 213 7.48 0.92 -19.61
N ARG B 214 7.32 -0.39 -19.64
CA ARG B 214 6.86 -1.07 -20.83
C ARG B 214 5.36 -0.96 -21.09
N TYR B 215 4.55 -0.94 -20.04
CA TYR B 215 3.10 -0.86 -20.23
C TYR B 215 2.39 0.35 -19.63
N HIS B 216 1.89 1.24 -20.49
CA HIS B 216 1.18 2.42 -20.03
C HIS B 216 -0.32 2.19 -20.09
N VAL B 217 -1.06 2.88 -19.23
CA VAL B 217 -2.52 2.77 -19.18
C VAL B 217 -3.10 4.18 -19.07
N PRO B 218 -4.38 4.37 -19.48
CA PRO B 218 -5.04 5.68 -19.43
C PRO B 218 -5.61 5.99 -18.06
N TYR B 219 -4.80 5.83 -17.02
CA TYR B 219 -5.26 6.06 -15.66
C TYR B 219 -5.72 7.47 -15.39
N GLU B 220 -5.16 8.44 -16.09
CA GLU B 220 -5.57 9.82 -15.88
C GLU B 220 -6.99 10.08 -16.36
N ALA B 221 -7.45 9.27 -17.30
CA ALA B 221 -8.80 9.42 -17.84
C ALA B 221 -9.87 9.27 -16.76
N SER B 222 -9.56 8.55 -15.68
CA SER B 222 -10.54 8.36 -14.60
C SER B 222 -10.18 9.09 -13.31
N GLN B 223 -9.38 10.15 -13.42
CA GLN B 223 -8.99 10.91 -12.23
C GLN B 223 -8.09 10.16 -11.26
N SER B 224 -7.47 9.09 -11.73
CA SER B 224 -6.56 8.33 -10.87
C SER B 224 -5.21 9.03 -10.81
N THR B 225 -4.43 8.74 -9.78
CA THR B 225 -3.12 9.36 -9.66
C THR B 225 -2.02 8.32 -9.81
N SER B 226 -2.38 7.13 -10.28
CA SER B 226 -1.41 6.05 -10.46
C SER B 226 -1.82 5.05 -11.54
N PRO B 227 -0.85 4.48 -12.25
CA PRO B 227 -1.12 3.50 -13.31
C PRO B 227 -1.53 2.10 -12.84
N PHE B 228 -1.56 1.87 -11.53
CA PHE B 228 -1.90 0.54 -11.02
C PHE B 228 -3.36 0.33 -10.69
N TRP B 229 -4.14 1.41 -10.82
CA TRP B 229 -5.57 1.35 -10.60
C TRP B 229 -6.21 2.43 -11.44
N TYR B 230 -7.25 2.04 -12.16
CA TYR B 230 -7.96 2.95 -13.06
C TYR B 230 -9.16 2.20 -13.60
N SER B 231 -10.02 2.94 -14.30
CA SER B 231 -11.20 2.33 -14.90
C SER B 231 -11.35 2.85 -16.32
N ILE B 232 -12.08 2.10 -17.13
CA ILE B 232 -12.35 2.50 -18.49
C ILE B 232 -13.73 1.96 -18.82
N LYS B 233 -14.41 2.64 -19.74
CA LYS B 233 -15.72 2.21 -20.17
C LYS B 233 -15.53 1.69 -21.60
N ARG B 234 -16.13 0.55 -21.92
CA ARG B 234 -16.01 0.01 -23.27
C ARG B 234 -17.30 -0.72 -23.61
N ALA B 235 -17.97 -0.28 -24.68
CA ALA B 235 -19.23 -0.86 -25.10
C ALA B 235 -20.20 -0.73 -23.93
N SER B 236 -20.78 -1.83 -23.47
CA SER B 236 -21.73 -1.77 -22.36
C SER B 236 -21.12 -2.13 -21.01
N ALA B 237 -19.80 -2.13 -20.93
CA ALA B 237 -19.12 -2.48 -19.69
C ALA B 237 -18.32 -1.32 -19.11
N HIS B 238 -18.30 -1.28 -17.78
CA HIS B 238 -17.53 -0.28 -17.05
C HIS B 238 -16.58 -1.17 -16.25
N ILE B 239 -15.30 -1.06 -16.58
CA ILE B 239 -14.29 -1.89 -15.96
C ILE B 239 -13.42 -1.15 -14.97
N ILE B 240 -13.29 -1.72 -13.78
CA ILE B 240 -12.49 -1.13 -12.72
C ILE B 240 -11.32 -2.05 -12.44
N VAL B 241 -10.10 -1.50 -12.54
CA VAL B 241 -8.89 -2.27 -12.30
C VAL B 241 -8.30 -1.86 -10.95
N LEU B 242 -8.05 -2.85 -10.10
CA LEU B 242 -7.47 -2.59 -8.78
C LEU B 242 -6.08 -3.19 -8.65
N SER B 243 -5.34 -2.70 -7.66
CA SER B 243 -3.98 -3.15 -7.43
C SER B 243 -3.85 -3.87 -6.09
N SER B 244 -3.76 -5.19 -6.15
CA SER B 244 -3.64 -6.00 -4.95
C SER B 244 -2.37 -5.68 -4.18
N TYR B 245 -1.37 -5.15 -4.89
CA TYR B 245 -0.11 -4.88 -4.23
C TYR B 245 0.27 -3.42 -4.01
N SER B 246 -0.74 -2.57 -3.86
CA SER B 246 -0.55 -1.14 -3.58
C SER B 246 -1.30 -0.86 -2.27
N ALA B 247 -1.08 0.29 -1.67
CA ALA B 247 -1.78 0.62 -0.43
C ALA B 247 -3.28 0.70 -0.71
N TYR B 248 -4.10 0.19 0.20
CA TYR B 248 -5.55 0.29 0.05
C TYR B 248 -6.22 0.49 1.41
N GLY B 249 -5.48 1.10 2.32
CA GLY B 249 -6.02 1.37 3.64
C GLY B 249 -6.90 2.60 3.51
N ARG B 250 -7.70 2.88 4.53
CA ARG B 250 -8.59 4.04 4.49
C ARG B 250 -7.78 5.33 4.40
N GLY B 251 -8.14 6.18 3.44
CA GLY B 251 -7.45 7.44 3.26
C GLY B 251 -6.36 7.39 2.20
N THR B 252 -5.93 6.18 1.82
CA THR B 252 -4.89 6.04 0.82
C THR B 252 -5.42 6.38 -0.55
N PRO B 253 -4.54 6.81 -1.45
CA PRO B 253 -4.94 7.17 -2.81
C PRO B 253 -5.86 6.16 -3.50
N GLN B 254 -5.50 4.87 -3.48
CA GLN B 254 -6.35 3.89 -4.14
C GLN B 254 -7.73 3.77 -3.49
N TYR B 255 -7.76 3.78 -2.16
CA TYR B 255 -9.00 3.68 -1.41
C TYR B 255 -9.91 4.87 -1.74
N THR B 256 -9.35 6.07 -1.71
CA THR B 256 -10.10 7.27 -2.02
C THR B 256 -10.64 7.23 -3.45
N TRP B 257 -9.81 6.79 -4.37
CA TRP B 257 -10.21 6.73 -5.77
C TRP B 257 -11.36 5.74 -5.98
N LEU B 258 -11.21 4.51 -5.50
CA LEU B 258 -12.24 3.49 -5.67
C LEU B 258 -13.59 3.94 -5.13
N LYS B 259 -13.58 4.58 -3.97
CA LYS B 259 -14.80 5.05 -3.34
C LYS B 259 -15.55 6.05 -4.22
N LYS B 260 -14.82 7.00 -4.80
CA LYS B 260 -15.44 8.00 -5.67
C LYS B 260 -15.84 7.40 -7.02
N GLU B 261 -15.03 6.47 -7.52
CA GLU B 261 -15.29 5.85 -8.81
C GLU B 261 -16.59 5.05 -8.83
N LEU B 262 -16.88 4.35 -7.74
CA LEU B 262 -18.11 3.56 -7.68
C LEU B 262 -19.34 4.45 -7.74
N ARG B 263 -19.27 5.62 -7.11
CA ARG B 263 -20.39 6.55 -7.13
C ARG B 263 -20.64 7.06 -8.54
N LYS B 264 -19.61 7.05 -9.38
CA LYS B 264 -19.74 7.53 -10.74
C LYS B 264 -20.23 6.49 -11.76
N VAL B 265 -20.42 5.26 -11.33
CA VAL B 265 -20.89 4.26 -12.29
C VAL B 265 -22.37 4.50 -12.60
N LYS B 266 -22.71 4.43 -13.89
CA LYS B 266 -24.07 4.61 -14.37
C LYS B 266 -24.51 3.34 -15.07
N ARG B 267 -25.37 2.57 -14.42
CA ARG B 267 -25.85 1.32 -14.98
C ARG B 267 -26.77 1.51 -16.17
N SER B 268 -27.24 2.74 -16.32
CA SER B 268 -28.12 3.10 -17.42
C SER B 268 -27.31 3.37 -18.69
N GLU B 269 -26.01 3.64 -18.51
CA GLU B 269 -25.12 3.92 -19.64
C GLU B 269 -24.28 2.67 -19.93
N THR B 270 -23.83 2.00 -18.86
CA THR B 270 -23.03 0.77 -18.98
C THR B 270 -23.57 -0.20 -17.95
N PRO B 271 -24.47 -1.10 -18.36
CA PRO B 271 -25.07 -2.08 -17.45
C PRO B 271 -24.13 -3.08 -16.77
N TRP B 272 -23.07 -3.51 -17.46
CA TRP B 272 -22.17 -4.46 -16.85
C TRP B 272 -21.04 -3.79 -16.11
N LEU B 273 -20.94 -4.12 -14.82
CA LEU B 273 -19.90 -3.57 -13.95
C LEU B 273 -18.91 -4.67 -13.58
N ILE B 274 -17.69 -4.54 -14.10
CA ILE B 274 -16.65 -5.53 -13.88
C ILE B 274 -15.46 -4.98 -13.07
N VAL B 275 -14.91 -5.83 -12.20
CA VAL B 275 -13.76 -5.45 -11.39
C VAL B 275 -12.64 -6.46 -11.62
N LEU B 276 -11.42 -5.95 -11.84
CA LEU B 276 -10.26 -6.80 -12.05
C LEU B 276 -9.24 -6.51 -10.94
N MET B 277 -8.57 -7.56 -10.47
CA MET B 277 -7.55 -7.46 -9.42
C MET B 277 -6.74 -8.75 -9.55
N HIS B 278 -5.46 -8.73 -9.15
CA HIS B 278 -4.69 -9.94 -9.28
C HIS B 278 -4.98 -11.02 -8.24
N SER B 279 -5.06 -10.66 -6.96
CA SER B 279 -5.32 -11.65 -5.92
C SER B 279 -6.83 -11.84 -5.62
N PRO B 280 -7.34 -13.07 -5.77
CA PRO B 280 -8.75 -13.37 -5.53
C PRO B 280 -9.23 -13.22 -4.08
N LEU B 281 -10.44 -12.68 -3.92
CA LEU B 281 -11.01 -12.49 -2.58
C LEU B 281 -11.64 -13.80 -2.11
N TYR B 282 -12.05 -14.64 -3.05
CA TYR B 282 -12.61 -15.94 -2.74
C TYR B 282 -11.76 -16.95 -3.49
N ASN B 283 -11.23 -17.92 -2.75
CA ASN B 283 -10.34 -18.92 -3.32
C ASN B 283 -10.34 -20.17 -2.44
N SER B 284 -10.68 -21.33 -3.02
CA SER B 284 -10.69 -22.55 -2.24
C SER B 284 -9.52 -23.48 -2.55
N TYR B 285 -8.45 -22.93 -3.11
CA TYR B 285 -7.25 -23.74 -3.40
C TYR B 285 -6.26 -23.49 -2.26
N ASN B 286 -5.35 -24.42 -2.04
CA ASN B 286 -4.38 -24.24 -0.96
C ASN B 286 -3.37 -23.16 -1.28
N HIS B 287 -2.92 -23.11 -2.53
CA HIS B 287 -1.95 -22.09 -2.90
C HIS B 287 -2.55 -20.68 -2.80
N HIS B 288 -1.97 -19.85 -1.94
CA HIS B 288 -2.42 -18.48 -1.72
C HIS B 288 -3.77 -18.40 -1.05
N PHE B 289 -4.09 -19.41 -0.24
CA PHE B 289 -5.35 -19.43 0.48
C PHE B 289 -5.41 -18.25 1.46
N MET B 290 -6.54 -17.56 1.46
CA MET B 290 -6.77 -16.42 2.35
C MET B 290 -5.87 -15.19 2.13
N GLU B 291 -5.06 -15.21 1.08
CA GLU B 291 -4.20 -14.06 0.80
C GLU B 291 -5.04 -12.82 0.53
N GLY B 292 -6.21 -13.03 -0.07
CA GLY B 292 -7.08 -11.92 -0.39
C GLY B 292 -7.95 -11.40 0.73
N GLU B 293 -7.81 -11.96 1.94
CA GLU B 293 -8.62 -11.51 3.07
C GLU B 293 -8.46 -10.02 3.36
N ALA B 294 -7.22 -9.53 3.37
CA ALA B 294 -6.96 -8.11 3.66
C ALA B 294 -7.81 -7.19 2.78
N MET B 295 -7.77 -7.37 1.46
CA MET B 295 -8.55 -6.50 0.60
C MET B 295 -10.04 -6.79 0.73
N ARG B 296 -10.40 -8.05 0.93
CA ARG B 296 -11.81 -8.42 1.08
C ARG B 296 -12.48 -7.62 2.22
N THR B 297 -11.85 -7.59 3.40
CA THR B 297 -12.42 -6.87 4.54
C THR B 297 -12.57 -5.41 4.26
N LYS B 298 -11.90 -4.92 3.22
CA LYS B 298 -12.01 -3.50 2.92
C LYS B 298 -12.99 -3.13 1.81
N PHE B 299 -13.01 -3.90 0.73
CA PHE B 299 -13.90 -3.56 -0.38
C PHE B 299 -15.14 -4.44 -0.63
N GLU B 300 -15.20 -5.62 -0.02
CA GLU B 300 -16.34 -6.49 -0.29
C GLU B 300 -17.69 -5.80 -0.11
N ALA B 301 -17.88 -5.13 1.02
CA ALA B 301 -19.14 -4.45 1.28
C ALA B 301 -19.47 -3.50 0.14
N TRP B 302 -18.47 -2.82 -0.41
CA TRP B 302 -18.73 -1.88 -1.50
C TRP B 302 -19.19 -2.63 -2.75
N PHE B 303 -18.55 -3.75 -3.07
CA PHE B 303 -18.94 -4.50 -4.26
C PHE B 303 -20.40 -4.93 -4.18
N VAL B 304 -20.86 -5.24 -2.96
CA VAL B 304 -22.25 -5.64 -2.77
C VAL B 304 -23.19 -4.44 -2.86
N LYS B 305 -22.84 -3.35 -2.18
CA LYS B 305 -23.63 -2.14 -2.17
C LYS B 305 -23.92 -1.63 -3.57
N TYR B 306 -22.91 -1.67 -4.43
CA TYR B 306 -23.06 -1.20 -5.81
C TYR B 306 -23.40 -2.32 -6.78
N LYS B 307 -23.62 -3.50 -6.22
CA LYS B 307 -24.00 -4.66 -7.01
C LYS B 307 -23.11 -4.94 -8.21
N VAL B 308 -21.80 -5.06 -8.03
CA VAL B 308 -20.97 -5.32 -9.21
C VAL B 308 -21.32 -6.72 -9.73
N ASP B 309 -21.22 -6.90 -11.04
CA ASP B 309 -21.58 -8.17 -11.65
C ASP B 309 -20.57 -9.31 -11.48
N VAL B 310 -19.34 -9.09 -11.94
CA VAL B 310 -18.32 -10.12 -11.85
C VAL B 310 -17.00 -9.51 -11.41
N VAL B 311 -16.22 -10.31 -10.70
CA VAL B 311 -14.90 -9.90 -10.23
C VAL B 311 -13.95 -10.97 -10.77
N PHE B 312 -13.00 -10.56 -11.60
CA PHE B 312 -12.04 -11.49 -12.17
C PHE B 312 -10.66 -11.32 -11.50
N ALA B 313 -10.01 -12.45 -11.21
CA ALA B 313 -8.69 -12.44 -10.58
C ALA B 313 -7.84 -13.59 -11.13
N GLY B 314 -6.54 -13.54 -10.89
CA GLY B 314 -5.66 -14.60 -11.33
C GLY B 314 -4.92 -15.10 -10.11
N HIS B 315 -3.59 -14.99 -10.13
CA HIS B 315 -2.73 -15.40 -9.03
C HIS B 315 -2.70 -16.90 -8.72
N VAL B 316 -3.86 -17.52 -8.53
CA VAL B 316 -3.91 -18.95 -8.28
C VAL B 316 -3.91 -19.56 -9.68
N HIS B 317 -2.93 -20.41 -9.95
CA HIS B 317 -2.79 -20.99 -11.27
C HIS B 317 -3.76 -22.13 -11.49
N ALA B 318 -5.03 -21.76 -11.68
CA ALA B 318 -6.09 -22.73 -11.89
C ALA B 318 -7.38 -21.99 -12.20
N TYR B 319 -8.48 -22.72 -12.15
CA TYR B 319 -9.79 -22.14 -12.43
C TYR B 319 -10.78 -22.41 -11.30
N GLU B 320 -11.59 -21.41 -11.01
CA GLU B 320 -12.61 -21.53 -9.98
C GLU B 320 -13.69 -20.47 -10.19
N ARG B 321 -14.93 -20.86 -9.90
CA ARG B 321 -16.10 -19.99 -10.06
C ARG B 321 -16.93 -20.10 -8.79
N SER B 322 -17.24 -18.97 -8.17
CA SER B 322 -18.03 -18.99 -6.94
C SER B 322 -19.52 -18.76 -7.17
N GLU B 323 -20.30 -19.03 -6.14
CA GLU B 323 -21.72 -18.77 -6.16
C GLU B 323 -21.72 -17.29 -5.79
N ARG B 324 -22.85 -16.61 -5.91
CA ARG B 324 -22.88 -15.21 -5.50
C ARG B 324 -22.95 -15.30 -3.98
N VAL B 325 -21.91 -14.83 -3.32
CA VAL B 325 -21.83 -14.90 -1.87
C VAL B 325 -21.24 -13.63 -1.26
N SER B 326 -21.48 -13.44 0.03
CA SER B 326 -20.93 -12.29 0.75
C SER B 326 -20.64 -12.72 2.19
N ASN B 327 -19.69 -12.04 2.80
CA ASN B 327 -19.29 -12.34 4.18
C ASN B 327 -19.07 -11.00 4.84
N ILE B 328 -20.09 -10.16 4.80
CA ILE B 328 -19.99 -8.81 5.34
C ILE B 328 -20.77 -8.53 6.61
N ALA B 329 -21.12 -9.56 7.36
CA ALA B 329 -21.87 -9.33 8.59
C ALA B 329 -21.01 -9.51 9.84
N TYR B 330 -19.76 -9.91 9.65
CA TYR B 330 -18.85 -10.14 10.77
C TYR B 330 -18.59 -8.90 11.61
N LYS B 331 -18.57 -9.07 12.92
CA LYS B 331 -18.30 -7.95 13.81
C LYS B 331 -17.41 -8.34 14.97
N ILE B 332 -16.38 -9.13 14.66
CA ILE B 332 -15.41 -9.58 15.65
C ILE B 332 -15.93 -10.56 16.69
N THR B 333 -17.06 -10.26 17.33
CA THR B 333 -17.56 -11.16 18.35
C THR B 333 -19.02 -11.64 18.20
N ASN B 334 -19.62 -11.38 17.05
CA ASN B 334 -21.00 -11.77 16.81
C ASN B 334 -21.09 -13.13 16.14
N GLY B 335 -19.94 -13.76 15.91
CA GLY B 335 -19.93 -15.08 15.29
C GLY B 335 -20.41 -15.21 13.85
N LEU B 336 -20.91 -14.14 13.24
CA LEU B 336 -21.36 -14.22 11.86
C LEU B 336 -20.16 -14.10 10.93
N CYS B 337 -19.51 -15.21 10.64
CA CYS B 337 -18.35 -15.16 9.78
C CYS B 337 -18.30 -16.28 8.76
N THR B 338 -19.47 -16.76 8.37
CA THR B 338 -19.56 -17.81 7.36
C THR B 338 -20.18 -17.14 6.14
N PRO B 339 -19.60 -17.38 4.96
CA PRO B 339 -20.11 -16.78 3.71
C PRO B 339 -21.54 -17.24 3.47
N VAL B 340 -22.41 -16.30 3.15
CA VAL B 340 -23.81 -16.62 2.91
C VAL B 340 -24.19 -16.27 1.47
N LYS B 341 -25.18 -16.96 0.91
CA LYS B 341 -25.58 -16.66 -0.46
C LYS B 341 -26.22 -15.27 -0.48
N ASP B 342 -25.84 -14.46 -1.45
CA ASP B 342 -26.34 -13.09 -1.57
C ASP B 342 -26.58 -12.76 -3.04
N GLN B 343 -27.83 -12.49 -3.41
CA GLN B 343 -28.16 -12.16 -4.79
C GLN B 343 -27.70 -10.77 -5.20
N SER B 344 -27.22 -10.01 -4.23
CA SER B 344 -26.75 -8.66 -4.48
C SER B 344 -25.24 -8.68 -4.73
N ALA B 345 -24.59 -9.75 -4.29
CA ALA B 345 -23.16 -9.92 -4.43
C ALA B 345 -22.72 -10.40 -5.80
N PRO B 346 -21.46 -10.10 -6.18
CA PRO B 346 -20.94 -10.51 -7.48
C PRO B 346 -20.53 -11.98 -7.47
N VAL B 347 -20.16 -12.47 -8.65
CA VAL B 347 -19.67 -13.83 -8.80
C VAL B 347 -18.17 -13.64 -8.92
N TYR B 348 -17.38 -14.39 -8.14
CA TYR B 348 -15.93 -14.26 -8.19
C TYR B 348 -15.40 -15.41 -9.03
N ILE B 349 -14.52 -15.07 -9.97
CA ILE B 349 -13.92 -16.06 -10.86
C ILE B 349 -12.39 -16.00 -10.90
N THR B 350 -11.72 -17.10 -10.55
CA THR B 350 -10.27 -17.17 -10.60
C THR B 350 -9.94 -17.77 -11.97
N ILE B 351 -9.24 -17.00 -12.80
CA ILE B 351 -8.91 -17.42 -14.16
C ILE B 351 -7.42 -17.18 -14.45
N GLY B 352 -6.56 -17.57 -13.51
CA GLY B 352 -5.13 -17.36 -13.70
C GLY B 352 -4.41 -18.63 -14.13
N ASP B 353 -5.01 -19.36 -15.05
CA ASP B 353 -4.45 -20.62 -15.54
C ASP B 353 -4.04 -20.58 -17.01
N ALA B 354 -3.56 -19.43 -17.47
CA ALA B 354 -3.14 -19.27 -18.87
C ALA B 354 -1.83 -19.99 -19.19
N GLY B 355 -1.04 -20.34 -18.17
CA GLY B 355 0.20 -21.03 -18.46
C GLY B 355 1.40 -20.81 -17.56
N ASN B 356 1.62 -19.57 -17.14
CA ASN B 356 2.78 -19.20 -16.32
C ASN B 356 4.04 -19.96 -16.79
N TYR B 357 4.85 -20.49 -15.89
CA TYR B 357 6.04 -21.21 -16.34
C TYR B 357 5.78 -22.70 -16.47
N GLY B 358 4.52 -23.06 -16.66
CA GLY B 358 4.15 -24.46 -16.84
C GLY B 358 3.67 -25.22 -15.62
N VAL B 359 3.37 -24.53 -14.53
CA VAL B 359 2.91 -25.23 -13.34
C VAL B 359 1.45 -24.93 -13.03
N ILE B 360 0.72 -25.99 -12.66
CA ILE B 360 -0.70 -25.92 -12.35
C ILE B 360 -0.92 -26.13 -10.85
N ASP B 361 -1.88 -25.42 -10.25
CA ASP B 361 -2.17 -25.59 -8.82
C ASP B 361 -3.26 -26.66 -8.71
N SER B 362 -2.93 -27.82 -8.14
CA SER B 362 -3.89 -28.92 -8.03
C SER B 362 -4.45 -29.10 -6.65
N ASN B 363 -3.60 -28.90 -5.67
CA ASN B 363 -3.96 -29.06 -4.28
C ASN B 363 -5.04 -28.05 -3.89
N MET B 364 -6.25 -28.55 -3.63
CA MET B 364 -7.35 -27.68 -3.24
C MET B 364 -7.97 -28.07 -1.90
N ILE B 365 -8.56 -27.09 -1.21
CA ILE B 365 -9.20 -27.29 0.09
C ILE B 365 -10.32 -28.32 -0.05
N GLN B 366 -10.35 -29.26 0.89
CA GLN B 366 -11.36 -30.31 0.89
C GLN B 366 -12.11 -30.32 2.22
N PRO B 367 -13.43 -30.52 2.18
CA PRO B 367 -14.22 -30.72 0.97
C PRO B 367 -14.46 -29.36 0.31
N GLN B 368 -14.98 -29.39 -0.91
CA GLN B 368 -15.24 -28.15 -1.62
C GLN B 368 -16.23 -27.32 -0.81
N PRO B 369 -15.85 -26.09 -0.47
CA PRO B 369 -16.73 -25.22 0.32
C PRO B 369 -18.03 -24.92 -0.42
N GLU B 370 -19.02 -24.42 0.30
CA GLU B 370 -20.32 -24.10 -0.28
C GLU B 370 -20.29 -22.94 -1.25
N TYR B 371 -19.43 -21.96 -0.99
CA TYR B 371 -19.33 -20.77 -1.84
C TYR B 371 -18.67 -21.04 -3.19
N SER B 372 -18.13 -22.24 -3.35
CA SER B 372 -17.47 -22.60 -4.61
C SER B 372 -18.41 -23.35 -5.53
N ALA B 373 -18.70 -22.78 -6.69
CA ALA B 373 -19.61 -23.41 -7.64
C ALA B 373 -18.93 -24.44 -8.51
N PHE B 374 -17.76 -24.10 -9.05
CA PHE B 374 -17.03 -25.01 -9.90
C PHE B 374 -15.54 -24.72 -9.81
N ARG B 375 -14.71 -25.75 -9.88
CA ARG B 375 -13.27 -25.59 -9.80
C ARG B 375 -12.56 -26.74 -10.49
N GLU B 376 -11.43 -26.45 -11.10
CA GLU B 376 -10.66 -27.47 -11.78
C GLU B 376 -9.25 -26.98 -12.07
N ALA B 377 -8.29 -27.87 -11.85
CA ALA B 377 -6.89 -27.54 -12.07
C ALA B 377 -6.45 -27.82 -13.51
N SER B 378 -6.86 -26.97 -14.44
CA SER B 378 -6.46 -27.13 -15.84
C SER B 378 -6.10 -25.79 -16.47
N PHE B 379 -5.19 -25.80 -17.44
CA PHE B 379 -4.82 -24.56 -18.12
C PHE B 379 -5.95 -24.19 -19.07
N GLY B 380 -5.99 -22.92 -19.46
CA GLY B 380 -7.03 -22.47 -20.36
C GLY B 380 -7.28 -20.98 -20.21
N HIS B 381 -8.41 -20.51 -20.73
CA HIS B 381 -8.76 -19.10 -20.64
C HIS B 381 -10.27 -19.02 -20.59
N GLY B 382 -10.82 -17.80 -20.57
CA GLY B 382 -12.25 -17.64 -20.51
C GLY B 382 -12.76 -16.58 -21.46
N MET B 383 -14.07 -16.49 -21.60
CA MET B 383 -14.70 -15.51 -22.46
C MET B 383 -15.94 -14.97 -21.77
N PHE B 384 -16.10 -13.66 -21.76
CA PHE B 384 -17.26 -13.02 -21.17
C PHE B 384 -17.92 -12.36 -22.37
N ASP B 385 -18.98 -12.99 -22.87
CA ASP B 385 -19.70 -12.51 -24.05
C ASP B 385 -20.98 -11.80 -23.69
N ILE B 386 -20.98 -10.47 -23.80
CA ILE B 386 -22.15 -9.66 -23.46
C ILE B 386 -23.16 -9.60 -24.62
N LYS B 387 -24.42 -9.97 -24.34
CA LYS B 387 -25.50 -9.98 -25.32
C LYS B 387 -26.41 -8.77 -25.19
N ASN B 388 -27.12 -8.71 -24.07
CA ASN B 388 -28.09 -7.66 -23.77
C ASN B 388 -27.63 -6.90 -22.54
N ARG B 389 -28.53 -6.06 -22.02
CA ARG B 389 -28.28 -5.29 -20.81
C ARG B 389 -28.64 -6.25 -19.68
N THR B 390 -29.30 -7.35 -20.04
CA THR B 390 -29.70 -8.31 -19.02
C THR B 390 -28.89 -9.61 -19.06
N HIS B 391 -28.41 -9.99 -20.24
CA HIS B 391 -27.68 -11.24 -20.38
C HIS B 391 -26.23 -11.16 -20.84
N ALA B 392 -25.40 -11.98 -20.22
CA ALA B 392 -23.99 -12.07 -20.55
C ALA B 392 -23.65 -13.55 -20.40
N HIS B 393 -22.90 -14.10 -21.36
CA HIS B 393 -22.54 -15.49 -21.31
C HIS B 393 -21.05 -15.68 -21.08
N PHE B 394 -20.71 -16.39 -20.02
CA PHE B 394 -19.32 -16.66 -19.69
C PHE B 394 -19.01 -18.11 -19.97
N SER B 395 -17.80 -18.38 -20.44
CA SER B 395 -17.39 -19.74 -20.72
C SER B 395 -15.90 -19.88 -20.53
N TRP B 396 -15.51 -21.08 -20.09
CA TRP B 396 -14.12 -21.42 -19.83
C TRP B 396 -13.66 -22.53 -20.78
N ASN B 397 -12.56 -22.29 -21.50
CA ASN B 397 -12.04 -23.28 -22.45
C ASN B 397 -10.71 -23.84 -21.97
N ARG B 398 -10.61 -25.17 -21.95
CA ARG B 398 -9.40 -25.87 -21.52
C ARG B 398 -8.45 -26.11 -22.67
N ASN B 399 -7.16 -26.21 -22.37
CA ASN B 399 -6.16 -26.46 -23.39
C ASN B 399 -6.20 -27.90 -23.91
N GLN B 400 -6.69 -28.84 -23.10
CA GLN B 400 -6.78 -30.23 -23.54
C GLN B 400 -7.94 -30.42 -24.51
N ASP B 401 -9.00 -29.64 -24.32
CA ASP B 401 -10.17 -29.77 -25.17
C ASP B 401 -10.01 -29.05 -26.51
N GLY B 402 -10.99 -29.25 -27.38
CA GLY B 402 -10.97 -28.62 -28.67
C GLY B 402 -11.22 -27.14 -28.53
N VAL B 403 -10.77 -26.38 -29.52
CA VAL B 403 -10.91 -24.93 -29.55
C VAL B 403 -12.34 -24.44 -29.27
N ALA B 404 -13.34 -25.17 -29.77
CA ALA B 404 -14.74 -24.77 -29.57
C ALA B 404 -15.47 -25.42 -28.38
N VAL B 405 -14.75 -26.19 -27.56
CA VAL B 405 -15.37 -26.87 -26.41
C VAL B 405 -15.37 -25.99 -25.16
N GLU B 406 -16.52 -25.86 -24.51
CA GLU B 406 -16.60 -25.06 -23.30
C GLU B 406 -16.78 -25.98 -22.10
N ALA B 407 -15.70 -26.21 -21.36
CA ALA B 407 -15.76 -27.08 -20.19
C ALA B 407 -16.63 -26.48 -19.09
N ASP B 408 -16.84 -25.17 -19.16
CA ASP B 408 -17.69 -24.51 -18.17
C ASP B 408 -18.42 -23.36 -18.85
N SER B 409 -19.74 -23.38 -18.75
CA SER B 409 -20.59 -22.38 -19.36
C SER B 409 -21.58 -21.86 -18.33
N VAL B 410 -21.75 -20.55 -18.29
CA VAL B 410 -22.67 -19.95 -17.35
C VAL B 410 -23.29 -18.69 -17.90
N TRP B 411 -24.58 -18.51 -17.64
CA TRP B 411 -25.26 -17.30 -18.07
C TRP B 411 -25.33 -16.38 -16.87
N PHE B 412 -24.85 -15.15 -17.04
CA PHE B 412 -24.89 -14.16 -15.97
C PHE B 412 -26.10 -13.27 -16.16
N PHE B 413 -26.86 -13.07 -15.10
CA PHE B 413 -28.01 -12.17 -15.18
C PHE B 413 -27.60 -10.87 -14.50
N ASN B 414 -27.65 -9.78 -15.26
CA ASN B 414 -27.25 -8.48 -14.74
C ASN B 414 -27.89 -8.18 -13.38
N ARG B 415 -27.08 -7.76 -12.42
CA ARG B 415 -27.55 -7.45 -11.07
C ARG B 415 -28.43 -6.22 -11.02
N HIS B 416 -28.32 -5.35 -12.01
CA HIS B 416 -29.14 -4.14 -12.00
C HIS B 416 -30.42 -4.27 -12.80
N TRP B 417 -30.35 -4.85 -13.99
CA TRP B 417 -31.53 -4.98 -14.84
C TRP B 417 -32.30 -6.30 -14.81
N TYR B 418 -31.62 -7.39 -14.47
CA TYR B 418 -32.26 -8.71 -14.44
C TYR B 418 -31.80 -9.46 -13.19
N PRO B 419 -32.09 -8.91 -12.01
CA PRO B 419 -31.71 -9.52 -10.73
C PRO B 419 -32.39 -10.84 -10.34
N VAL B 420 -32.31 -11.84 -11.20
CA VAL B 420 -32.91 -13.13 -10.89
C VAL B 420 -31.79 -14.12 -10.63
N ASP B 421 -32.04 -15.11 -9.78
CA ASP B 421 -31.00 -16.09 -9.45
C ASP B 421 -30.45 -16.78 -10.68
N ASP B 422 -29.13 -16.70 -10.87
CA ASP B 422 -28.48 -17.32 -12.01
C ASP B 422 -27.45 -18.38 -11.57
N SER B 423 -27.78 -19.13 -10.52
CA SER B 423 -26.90 -20.17 -10.00
C SER B 423 -26.80 -21.38 -10.92
N THR B 424 -25.72 -22.15 -10.76
CA THR B 424 -25.45 -23.34 -11.56
C THR B 424 -24.88 -24.44 -10.68
#